data_9AS2
#
_entry.id   9AS2
#
_cell.length_a   1.00
_cell.length_b   1.00
_cell.length_c   1.00
_cell.angle_alpha   90.00
_cell.angle_beta   90.00
_cell.angle_gamma   90.00
#
_symmetry.space_group_name_H-M   'P 1'
#
loop_
_entity.id
_entity.type
_entity.pdbx_description
1 polymer '5-hydroxytryptamine receptor 2A'
2 polymer 'G subunit q (Gi2-mini-Gq chimeric)'
3 polymer 'Guanine nucleotide-binding protein G(I)/G(S)/G(T) subunit beta-1'
4 polymer 'Guanine nucleotide-binding protein G(I)/G(S)/G(O) subunit gamma-2'
5 polymer 'single chain Fab (svFv16)'
6 non-polymer 2-(1H-indol-3-yl)-N,N-dimethylethan-1-amine
#
loop_
_entity_poly.entity_id
_entity_poly.type
_entity_poly.pdbx_seq_one_letter_code
_entity_poly.pdbx_strand_id
1 'polypeptide(L)'
;MDILCEENTSLSSTTNSLMQLNDDTRLYSNDFNSGEANTSDAFNWTVDSENRTNLSCEGCLSPSCLSLLHLQEKNWSALL
TAVVIILTIAGNILVIMAVSLEKKLQNATNYFLMSLAIADMLLGFLVMPVSMLTILYGYRWPLPSKLCAVWIYLDVLFST
ASIMHLCAISLDRYVAIQNPIHHSRFNSRTKAFLKIIAVWTISVGISMPIPVFGLQDDSKVFKEGSCLLADDNFVLIGSF
VSFFIPLTIMVITYFLTIKSLQKEATLCVSDLGTRAKLASFSFLPQSSLSSEKLFQRSIHREPGSYTGRRTMQSISNEQK
ACKVLGIVFFLFVVMWCPFFITNIMAVICKESCNEDVIGALLNVFVWIGYLSSAVNPLVYTLFNKTYRSAFSRYIQCQYK
ENKKPLQLILVNTIPALAYKSSQLQMGQKKNSKQDAKTTDNDCSMVALGKQHSEEASKDNSDGVNEKVSCV
;
A
2 'polypeptide(L)'
;MGSTVSAEDKAAAERSKMIDKNLREDGEKARRTLRLLLLGADNSGKSTIVKQMRILHGGSGGSGGTSGIFETKFQVDKVN
FHMFDVGGQRDERRKWIQCFNDVTAIIFVVDSSDYNRLQEALNDFKSIWNNRWLRTISVILFLNKQDLLAEKVLAGKSKI
EDYFPEFARYTTPEDATPEPGEDPRVTRAKYFIRKEFVDISTASGDGRHICYPHFTCAVDTENARRIFNDCKDIILQMNL
REYNLV
;
B
3 'polypeptide(L)'
;MHHHHHHLEVLFQGPGSSGSELDQLRQEAEQLKNQIRDARKACADATLSQITNNIDPVGRIQMRTRRTLRGHLAKIYAMH
WGTDSRLLVSASQDGKLIIWDSYTTNKVHAIPLRSSWVMTCAYAPSGNYVACGGLDNICSIYNLKTREGNVRVSRELAGH
TGYLSCCRFLDDNQIVTSSGDTTCALWDIETGQQTTTFTGHTGDVMSLSLAPDTRLFVSGACDASAKLWDVREGMCRQTF
TGHESDINAICFFPNGNAFATGSDDATCRLFDLRADQELMTYSHDNIICGITSVSFSKSGRLLLAGYDDFNCNVWDALKA
DRAGVLAGHDNRVSCLGVTDDGMAVATGSWDSFLKIWN
;
C
4 'polypeptide(L)' MASNNTASIAQARKLVEQLKMEANIDRIKVSKAAADLMAYCEAHAKEDPLLTPVPASENPFREKKFFCAIL D
5 'polypeptide(L)'
;DVQLVESGGGLVQPGGSRKLSCSASGFAFSSFGMHWVRQAPEKGLEWVAYISSGSGTIYYADTVKGRFTISRDDPKNTLF
LQMTSLRSEDTAMYYCVRSIYYYGSSPFDFWGQGTTLTVSSGGGGSGGGGSGGGGSDIVMTQATSSVPVTPGESVSISCR
SSKSLLHSNGNTYLYWFLQRPGQSPQLLIYRMSNLASGVPDRFSGSGSGTAFTLTISRLEAEDVGVYYCMQHLEYPLTFG
AGTKLELKAAALEVLFQGPHHHHHHHH
;
E
#
loop_
_chem_comp.id
_chem_comp.type
_chem_comp.name
_chem_comp.formula
A1AFV non-polymer 2-(1H-indol-3-yl)-N,N-dimethylethan-1-amine 'C12 H16 N2'
#
# COMPACT_ATOMS: atom_id res chain seq x y z
N LEU A 79 -12.38 -51.31 8.21
CA LEU A 79 -11.74 -51.57 9.49
C LEU A 79 -11.16 -50.28 10.08
N LEU A 80 -9.89 -50.33 10.48
CA LEU A 80 -9.24 -49.17 11.06
C LEU A 80 -8.85 -48.13 10.03
N THR A 81 -8.91 -48.45 8.73
CA THR A 81 -8.55 -47.49 7.70
C THR A 81 -9.61 -46.43 7.50
N ALA A 82 -10.86 -46.71 7.91
CA ALA A 82 -11.93 -45.72 7.78
C ALA A 82 -11.70 -44.51 8.68
N VAL A 83 -11.16 -44.73 9.89
CA VAL A 83 -10.79 -43.63 10.77
C VAL A 83 -9.65 -42.82 10.17
N VAL A 84 -8.74 -43.50 9.47
CA VAL A 84 -7.64 -42.82 8.78
C VAL A 84 -8.17 -41.93 7.67
N ILE A 85 -9.14 -42.42 6.89
CA ILE A 85 -9.73 -41.63 5.81
C ILE A 85 -10.48 -40.43 6.37
N ILE A 86 -11.27 -40.66 7.43
CA ILE A 86 -12.07 -39.58 8.02
C ILE A 86 -11.20 -38.51 8.64
N LEU A 87 -10.14 -38.90 9.35
CA LEU A 87 -9.28 -37.90 9.98
C LEU A 87 -8.38 -37.21 8.96
N THR A 88 -8.02 -37.91 7.88
CA THR A 88 -7.26 -37.31 6.79
C THR A 88 -8.09 -36.21 6.11
N ILE A 89 -9.38 -36.48 5.92
CA ILE A 89 -10.29 -35.45 5.38
C ILE A 89 -10.41 -34.29 6.36
N ALA A 90 -10.64 -34.59 7.65
CA ALA A 90 -10.98 -33.57 8.63
C ALA A 90 -9.82 -32.61 8.90
N GLY A 91 -8.62 -33.15 9.10
CA GLY A 91 -7.48 -32.30 9.42
C GLY A 91 -7.07 -31.38 8.27
N ASN A 92 -7.04 -31.92 7.05
CA ASN A 92 -6.67 -31.11 5.90
C ASN A 92 -7.73 -30.06 5.59
N ILE A 93 -9.02 -30.42 5.77
CA ILE A 93 -10.09 -29.45 5.57
C ILE A 93 -10.03 -28.33 6.60
N LEU A 94 -9.75 -28.66 7.87
CA LEU A 94 -9.62 -27.63 8.90
C LEU A 94 -8.40 -26.74 8.68
N VAL A 95 -7.29 -27.29 8.18
CA VAL A 95 -6.13 -26.48 7.86
C VAL A 95 -6.43 -25.52 6.71
N ILE A 96 -7.11 -26.01 5.67
CA ILE A 96 -7.46 -25.17 4.52
C ILE A 96 -8.42 -24.06 4.94
N MET A 97 -9.41 -24.41 5.76
CA MET A 97 -10.35 -23.42 6.27
C MET A 97 -9.70 -22.41 7.20
N ALA A 98 -8.68 -22.82 7.97
CA ALA A 98 -8.00 -21.87 8.85
C ALA A 98 -7.07 -20.94 8.06
N VAL A 99 -6.50 -21.43 6.96
CA VAL A 99 -5.68 -20.57 6.12
C VAL A 99 -6.54 -19.56 5.39
N SER A 100 -7.71 -20.01 4.89
CA SER A 100 -8.49 -19.20 3.95
C SER A 100 -9.10 -17.96 4.59
N LEU A 101 -9.62 -18.08 5.81
CA LEU A 101 -10.31 -16.97 6.47
C LEU A 101 -9.50 -16.36 7.60
N GLU A 102 -8.17 -16.41 7.48
CA GLU A 102 -7.30 -15.69 8.40
C GLU A 102 -6.30 -14.86 7.58
N LYS A 103 -6.20 -13.58 7.91
CA LYS A 103 -5.25 -12.69 7.27
C LYS A 103 -3.92 -12.60 8.02
N LYS A 104 -3.83 -13.19 9.21
CA LYS A 104 -2.57 -13.20 9.94
C LYS A 104 -1.63 -14.31 9.46
N LEU A 105 -2.15 -15.28 8.70
CA LEU A 105 -1.37 -16.43 8.24
C LEU A 105 -1.16 -16.39 6.73
N GLN A 106 -0.98 -15.20 6.16
CA GLN A 106 -0.93 -15.04 4.72
C GLN A 106 0.49 -14.90 4.17
N ASN A 107 1.51 -15.20 4.98
CA ASN A 107 2.88 -15.10 4.50
C ASN A 107 3.24 -16.30 3.63
N ALA A 108 4.44 -16.24 3.06
CA ALA A 108 4.87 -17.23 2.06
C ALA A 108 5.13 -18.59 2.68
N THR A 109 5.72 -18.58 3.88
CA THR A 109 6.05 -19.81 4.62
C THR A 109 4.78 -20.61 4.82
N ASN A 110 3.67 -19.95 5.16
CA ASN A 110 2.40 -20.63 5.34
C ASN A 110 1.67 -20.92 4.03
N TYR A 111 1.98 -20.19 2.96
CA TYR A 111 1.43 -20.53 1.66
C TYR A 111 1.99 -21.85 1.14
N PHE A 112 3.26 -22.14 1.44
CA PHE A 112 3.81 -23.45 1.12
C PHE A 112 3.08 -24.57 1.87
N LEU A 113 2.71 -24.31 3.12
CA LEU A 113 1.95 -25.30 3.88
C LEU A 113 0.53 -25.43 3.36
N MET A 114 -0.03 -24.35 2.82
CA MET A 114 -1.33 -24.45 2.15
C MET A 114 -1.24 -25.32 0.91
N SER A 115 -0.12 -25.20 0.17
CA SER A 115 0.11 -26.08 -0.98
C SER A 115 0.28 -27.52 -0.55
N LEU A 116 0.89 -27.74 0.62
CA LEU A 116 1.00 -29.08 1.19
C LEU A 116 -0.37 -29.66 1.53
N ALA A 117 -1.25 -28.84 2.12
CA ALA A 117 -2.60 -29.30 2.42
C ALA A 117 -3.43 -29.54 1.16
N ILE A 118 -3.15 -28.78 0.10
CA ILE A 118 -3.72 -29.05 -1.22
C ILE A 118 -3.26 -30.41 -1.72
N ALA A 119 -1.96 -30.70 -1.62
CA ALA A 119 -1.41 -31.98 -2.05
C ALA A 119 -1.82 -33.13 -1.13
N ASP A 120 -2.35 -32.83 0.06
CA ASP A 120 -2.68 -33.83 1.04
C ASP A 120 -4.17 -34.09 1.17
N MET A 121 -5.03 -33.11 0.83
CA MET A 121 -6.46 -33.34 0.76
C MET A 121 -6.80 -34.39 -0.29
N LEU A 122 -6.17 -34.28 -1.47
CA LEU A 122 -6.47 -35.15 -2.59
C LEU A 122 -5.99 -36.58 -2.39
N LEU A 123 -5.12 -36.83 -1.40
CA LEU A 123 -4.70 -38.20 -1.12
C LEU A 123 -5.84 -39.01 -0.55
N GLY A 124 -6.54 -38.47 0.45
CA GLY A 124 -7.55 -39.20 1.20
C GLY A 124 -8.90 -39.32 0.53
N PHE A 125 -9.08 -38.76 -0.66
CA PHE A 125 -10.33 -38.86 -1.38
C PHE A 125 -10.20 -39.49 -2.77
N LEU A 126 -8.99 -39.60 -3.31
CA LEU A 126 -8.79 -40.14 -4.65
C LEU A 126 -8.02 -41.46 -4.66
N VAL A 127 -7.28 -41.78 -3.60
CA VAL A 127 -6.44 -42.97 -3.56
C VAL A 127 -6.81 -43.91 -2.42
N MET A 128 -7.06 -43.35 -1.24
CA MET A 128 -7.30 -44.18 -0.06
C MET A 128 -8.68 -44.86 -0.05
N PRO A 129 -9.80 -44.26 -0.53
CA PRO A 129 -10.99 -45.10 -0.73
C PRO A 129 -10.83 -46.21 -1.77
N VAL A 130 -9.99 -45.98 -2.79
CA VAL A 130 -9.68 -47.02 -3.76
C VAL A 130 -8.96 -48.18 -3.08
N SER A 131 -7.97 -47.87 -2.24
CA SER A 131 -7.33 -48.89 -1.43
C SER A 131 -8.29 -49.51 -0.42
N MET A 132 -9.27 -48.72 0.02
CA MET A 132 -10.28 -49.22 0.99
C MET A 132 -11.05 -50.37 0.34
N LEU A 133 -11.69 -50.14 -0.82
CA LEU A 133 -12.51 -51.22 -1.37
C LEU A 133 -11.63 -52.26 -2.07
N THR A 134 -10.35 -51.96 -2.27
CA THR A 134 -9.41 -53.01 -2.65
C THR A 134 -9.15 -53.96 -1.48
N ILE A 135 -9.00 -53.41 -0.28
CA ILE A 135 -8.80 -54.22 0.92
C ILE A 135 -10.07 -55.00 1.25
N LEU A 136 -11.23 -54.36 1.13
CA LEU A 136 -12.49 -55.01 1.49
C LEU A 136 -12.88 -56.11 0.51
N TYR A 137 -12.32 -56.10 -0.68
CA TYR A 137 -12.59 -57.14 -1.68
C TYR A 137 -11.55 -58.25 -1.66
N GLY A 138 -10.68 -58.30 -0.65
CA GLY A 138 -9.67 -59.34 -0.55
C GLY A 138 -8.60 -59.29 -1.62
N TYR A 139 -8.08 -58.09 -1.89
CA TYR A 139 -7.01 -57.80 -2.83
C TYR A 139 -7.33 -58.23 -4.25
N ARG A 140 -8.61 -58.23 -4.61
CA ARG A 140 -9.07 -58.43 -5.98
C ARG A 140 -9.87 -57.20 -6.37
N TRP A 141 -9.37 -56.46 -7.34
CA TRP A 141 -9.83 -55.09 -7.55
C TRP A 141 -11.15 -55.11 -8.34
N PRO A 142 -12.24 -54.56 -7.80
CA PRO A 142 -13.48 -54.54 -8.57
C PRO A 142 -13.54 -53.44 -9.64
N LEU A 143 -12.62 -52.48 -9.61
CA LEU A 143 -12.62 -51.41 -10.58
C LEU A 143 -12.12 -51.94 -11.94
N PRO A 144 -12.44 -51.23 -13.04
CA PRO A 144 -11.91 -51.64 -14.35
C PRO A 144 -10.40 -51.52 -14.44
N SER A 145 -9.85 -52.21 -15.44
CA SER A 145 -8.40 -52.31 -15.58
C SER A 145 -7.76 -51.07 -16.19
N LYS A 146 -8.57 -50.12 -16.69
CA LYS A 146 -8.01 -48.94 -17.33
C LYS A 146 -7.48 -47.92 -16.34
N LEU A 147 -7.86 -48.01 -15.07
CA LEU A 147 -7.48 -47.01 -14.07
C LEU A 147 -6.32 -47.46 -13.20
N CYS A 148 -5.65 -48.57 -13.54
CA CYS A 148 -4.58 -49.07 -12.68
C CYS A 148 -3.35 -48.18 -12.74
N ALA A 149 -2.90 -47.85 -13.96
CA ALA A 149 -1.74 -46.99 -14.13
C ALA A 149 -2.05 -45.57 -13.66
N VAL A 150 -3.28 -45.11 -13.85
CA VAL A 150 -3.68 -43.78 -13.39
C VAL A 150 -3.70 -43.71 -11.87
N TRP A 151 -4.21 -44.76 -11.21
CA TRP A 151 -4.26 -44.77 -9.75
C TRP A 151 -2.88 -44.90 -9.14
N ILE A 152 -2.01 -45.71 -9.74
CA ILE A 152 -0.61 -45.82 -9.30
C ILE A 152 0.11 -44.48 -9.51
N TYR A 153 -0.14 -43.82 -10.64
CA TYR A 153 0.45 -42.52 -10.91
C TYR A 153 -0.03 -41.46 -9.92
N LEU A 154 -1.31 -41.49 -9.55
CA LEU A 154 -1.83 -40.57 -8.55
C LEU A 154 -1.20 -40.81 -7.19
N ASP A 155 -1.02 -42.10 -6.82
CA ASP A 155 -0.39 -42.44 -5.55
C ASP A 155 1.05 -41.96 -5.49
N VAL A 156 1.85 -42.22 -6.53
CA VAL A 156 3.24 -41.79 -6.61
C VAL A 156 3.35 -40.27 -6.69
N LEU A 157 2.42 -39.60 -7.38
CA LEU A 157 2.44 -38.14 -7.49
C LEU A 157 2.16 -37.48 -6.14
N PHE A 158 1.12 -37.94 -5.44
CA PHE A 158 0.80 -37.35 -4.14
C PHE A 158 1.84 -37.68 -3.10
N SER A 159 2.43 -38.88 -3.14
CA SER A 159 3.46 -39.24 -2.16
C SER A 159 4.75 -38.44 -2.39
N THR A 160 5.21 -38.33 -3.63
CA THR A 160 6.42 -37.57 -3.95
C THR A 160 6.18 -36.08 -3.73
N ALA A 161 4.97 -35.57 -3.93
CA ALA A 161 4.65 -34.19 -3.61
C ALA A 161 4.71 -33.94 -2.10
N SER A 162 4.08 -34.83 -1.32
CA SER A 162 4.07 -34.67 0.12
C SER A 162 5.40 -35.04 0.78
N ILE A 163 6.36 -35.65 0.08
CA ILE A 163 7.74 -35.86 0.54
C ILE A 163 8.58 -34.63 0.19
N MET A 164 8.61 -34.24 -1.09
CA MET A 164 9.37 -33.08 -1.56
C MET A 164 8.96 -31.78 -0.86
N HIS A 165 7.69 -31.65 -0.48
CA HIS A 165 7.24 -30.49 0.29
C HIS A 165 7.97 -30.39 1.62
N LEU A 166 8.11 -31.51 2.31
CA LEU A 166 8.82 -31.50 3.60
C LEU A 166 10.31 -31.30 3.40
N CYS A 167 10.89 -31.82 2.31
CA CYS A 167 12.29 -31.63 1.97
C CYS A 167 12.60 -30.14 1.71
N ALA A 168 11.74 -29.45 0.96
CA ALA A 168 11.92 -28.02 0.72
C ALA A 168 11.64 -27.21 1.97
N ILE A 169 10.70 -27.66 2.81
CA ILE A 169 10.41 -27.00 4.08
C ILE A 169 11.62 -27.08 5.00
N SER A 170 12.29 -28.23 5.05
CA SER A 170 13.48 -28.38 5.88
C SER A 170 14.64 -27.53 5.37
N LEU A 171 14.83 -27.47 4.06
CA LEU A 171 15.91 -26.64 3.52
C LEU A 171 15.66 -25.15 3.73
N ASP A 172 14.39 -24.73 3.56
CA ASP A 172 14.03 -23.31 3.81
C ASP A 172 14.24 -23.02 5.30
N ARG A 173 13.83 -23.96 6.15
CA ARG A 173 13.99 -23.81 7.62
C ARG A 173 15.48 -23.70 7.95
N TYR A 174 16.35 -24.42 7.23
CA TYR A 174 17.80 -24.34 7.46
C TYR A 174 18.32 -22.95 7.10
N VAL A 175 17.96 -22.44 5.92
CA VAL A 175 18.48 -21.12 5.56
C VAL A 175 17.80 -20.00 6.32
N ALA A 176 16.67 -20.26 6.97
CA ALA A 176 16.04 -19.28 7.85
C ALA A 176 16.48 -19.43 9.30
N ILE A 177 17.24 -20.49 9.63
CA ILE A 177 17.77 -20.72 11.01
C ILE A 177 19.25 -20.32 11.03
N GLN A 178 19.98 -20.58 9.95
CA GLN A 178 21.42 -20.33 9.87
C GLN A 178 21.73 -18.83 9.85
N ASN A 179 21.28 -18.14 8.79
CA ASN A 179 21.48 -16.70 8.64
C ASN A 179 20.16 -16.02 8.35
N PRO A 180 19.42 -15.60 9.40
CA PRO A 180 18.08 -14.94 9.26
C PRO A 180 18.13 -13.66 8.43
N ILE A 181 19.27 -12.94 8.34
CA ILE A 181 19.34 -11.68 7.62
C ILE A 181 19.25 -11.92 6.12
N HIS A 182 20.03 -12.87 5.60
CA HIS A 182 20.00 -13.14 4.17
C HIS A 182 18.78 -13.93 3.74
N HIS A 183 18.11 -14.61 4.67
CA HIS A 183 16.81 -15.19 4.35
C HIS A 183 15.71 -14.13 4.30
N SER A 184 15.74 -13.18 5.23
CA SER A 184 14.74 -12.10 5.23
C SER A 184 15.00 -11.07 4.15
N ARG A 185 16.22 -11.03 3.60
CA ARG A 185 16.50 -10.16 2.46
C ARG A 185 15.72 -10.59 1.23
N PHE A 186 15.65 -11.90 0.96
CA PHE A 186 14.92 -12.43 -0.18
C PHE A 186 13.58 -13.03 0.19
N ASN A 187 13.11 -12.82 1.41
CA ASN A 187 11.82 -13.36 1.87
C ASN A 187 10.68 -12.64 1.16
N SER A 188 10.02 -13.34 0.25
CA SER A 188 8.92 -12.77 -0.52
C SER A 188 8.03 -13.92 -1.00
N ARG A 189 7.01 -13.57 -1.79
CA ARG A 189 6.17 -14.58 -2.40
C ARG A 189 6.82 -15.18 -3.64
N THR A 190 7.87 -14.54 -4.16
CA THR A 190 8.61 -15.09 -5.29
C THR A 190 9.31 -16.38 -4.93
N LYS A 191 9.88 -16.44 -3.72
CA LYS A 191 10.53 -17.65 -3.24
C LYS A 191 9.52 -18.79 -3.05
N ALA A 192 8.33 -18.47 -2.55
CA ALA A 192 7.29 -19.48 -2.40
C ALA A 192 6.80 -19.99 -3.74
N PHE A 193 6.64 -19.09 -4.72
CA PHE A 193 6.22 -19.49 -6.06
C PHE A 193 7.27 -20.37 -6.73
N LEU A 194 8.55 -19.99 -6.63
CA LEU A 194 9.63 -20.78 -7.21
C LEU A 194 9.75 -22.14 -6.52
N LYS A 195 9.60 -22.18 -5.19
CA LYS A 195 9.72 -23.43 -4.45
C LYS A 195 8.55 -24.37 -4.77
N ILE A 196 7.33 -23.84 -4.83
CA ILE A 196 6.16 -24.66 -5.17
C ILE A 196 6.26 -25.18 -6.59
N ILE A 197 6.72 -24.34 -7.52
CA ILE A 197 6.90 -24.76 -8.91
C ILE A 197 7.97 -25.84 -9.02
N ALA A 198 9.06 -25.70 -8.26
CA ALA A 198 10.14 -26.69 -8.29
C ALA A 198 9.70 -28.03 -7.72
N VAL A 199 9.03 -28.02 -6.56
CA VAL A 199 8.62 -29.28 -5.94
C VAL A 199 7.50 -29.94 -6.75
N TRP A 200 6.63 -29.16 -7.39
CA TRP A 200 5.58 -29.78 -8.18
C TRP A 200 6.10 -30.27 -9.53
N THR A 201 7.10 -29.58 -10.11
CA THR A 201 7.77 -30.11 -11.29
C THR A 201 8.49 -31.42 -10.98
N ILE A 202 9.12 -31.51 -9.82
CA ILE A 202 9.78 -32.75 -9.40
C ILE A 202 8.75 -33.86 -9.19
N SER A 203 7.61 -33.53 -8.56
CA SER A 203 6.60 -34.54 -8.25
C SER A 203 5.90 -35.05 -9.51
N VAL A 204 5.65 -34.18 -10.49
CA VAL A 204 5.12 -34.66 -11.76
C VAL A 204 6.17 -35.42 -12.56
N GLY A 205 7.42 -34.92 -12.63
CA GLY A 205 8.42 -35.55 -13.47
C GLY A 205 8.93 -36.88 -12.95
N ILE A 206 8.83 -37.15 -11.64
CA ILE A 206 9.08 -38.48 -11.06
C ILE A 206 7.98 -39.46 -11.46
N SER A 207 6.72 -39.01 -11.46
CA SER A 207 5.59 -39.90 -11.68
C SER A 207 5.15 -39.96 -13.14
N MET A 208 5.66 -39.08 -14.00
CA MET A 208 5.28 -39.09 -15.41
C MET A 208 5.63 -40.34 -16.22
N PRO A 209 6.70 -41.11 -15.96
CA PRO A 209 6.88 -42.37 -16.71
C PRO A 209 5.82 -43.44 -16.46
N ILE A 210 4.99 -43.34 -15.43
CA ILE A 210 4.01 -44.41 -15.17
C ILE A 210 2.86 -44.38 -16.19
N PRO A 211 2.32 -43.24 -16.64
CA PRO A 211 1.46 -43.28 -17.83
C PRO A 211 2.12 -43.73 -19.13
N VAL A 212 3.39 -43.42 -19.36
CA VAL A 212 3.97 -43.54 -20.69
C VAL A 212 4.89 -44.76 -20.84
N PHE A 213 5.33 -45.39 -19.75
CA PHE A 213 6.13 -46.61 -19.86
C PHE A 213 5.42 -47.81 -19.24
N GLY A 214 4.76 -47.62 -18.10
CA GLY A 214 3.98 -48.68 -17.51
C GLY A 214 2.67 -48.95 -18.22
N LEU A 215 2.16 -47.96 -18.95
CA LEU A 215 0.92 -48.14 -19.70
C LEU A 215 1.17 -47.91 -21.19
N ASP A 218 0.13 -54.06 -19.83
CA ASP A 218 -0.30 -53.90 -18.44
C ASP A 218 0.54 -54.75 -17.51
N SER A 219 1.59 -55.37 -18.06
CA SER A 219 2.46 -56.22 -17.25
C SER A 219 3.30 -55.43 -16.27
N LYS A 220 3.55 -54.15 -16.53
CA LYS A 220 4.32 -53.32 -15.61
C LYS A 220 3.48 -52.80 -14.45
N VAL A 221 2.16 -52.91 -14.51
CA VAL A 221 1.30 -52.35 -13.47
C VAL A 221 0.29 -53.33 -12.90
N PHE A 222 -0.01 -54.44 -13.55
CA PHE A 222 -1.03 -55.37 -13.07
C PHE A 222 -0.40 -56.74 -12.85
N LYS A 223 -0.77 -57.38 -11.74
CA LYS A 223 -0.19 -58.68 -11.39
C LYS A 223 -1.15 -59.43 -10.47
N GLU A 224 -1.64 -60.58 -10.95
CA GLU A 224 -2.38 -61.58 -10.16
C GLU A 224 -3.67 -61.01 -9.56
N GLY A 225 -4.39 -60.21 -10.34
CA GLY A 225 -5.67 -59.68 -9.87
C GLY A 225 -5.56 -58.50 -8.93
N SER A 226 -4.39 -57.88 -8.82
CA SER A 226 -4.22 -56.70 -8.00
C SER A 226 -3.31 -55.71 -8.73
N CYS A 227 -3.52 -54.43 -8.45
CA CYS A 227 -2.81 -53.34 -9.13
C CYS A 227 -1.61 -52.97 -8.28
N LEU A 228 -0.46 -53.57 -8.60
CA LEU A 228 0.77 -53.32 -7.89
C LEU A 228 1.91 -53.13 -8.90
N LEU A 229 2.89 -52.31 -8.53
CA LEU A 229 4.03 -52.06 -9.39
C LEU A 229 4.89 -53.31 -9.53
N ALA A 230 5.32 -53.59 -10.76
CA ALA A 230 6.10 -54.80 -11.02
C ALA A 230 7.34 -54.56 -11.88
N ASP A 231 7.50 -53.37 -12.48
CA ASP A 231 8.71 -52.98 -13.21
C ASP A 231 9.87 -52.63 -12.25
N ASP A 232 10.58 -53.65 -11.77
CA ASP A 232 11.51 -53.54 -10.64
C ASP A 232 12.61 -52.48 -10.82
N ASN A 233 13.06 -52.22 -12.05
CA ASN A 233 14.05 -51.17 -12.32
C ASN A 233 13.54 -49.76 -12.00
N PHE A 234 12.25 -49.46 -12.23
CA PHE A 234 11.64 -48.20 -11.81
C PHE A 234 11.39 -48.16 -10.30
N VAL A 235 10.92 -49.26 -9.71
CA VAL A 235 10.66 -49.34 -8.26
C VAL A 235 11.93 -49.11 -7.44
N LEU A 236 13.06 -49.69 -7.83
CA LEU A 236 14.35 -49.45 -7.17
C LEU A 236 14.98 -48.08 -7.54
N ILE A 237 15.17 -47.79 -8.84
CA ILE A 237 15.86 -46.58 -9.28
C ILE A 237 15.05 -45.29 -9.09
N GLY A 238 13.72 -45.37 -9.10
CA GLY A 238 12.84 -44.26 -8.75
C GLY A 238 12.90 -43.93 -7.25
N SER A 239 12.95 -44.95 -6.39
CA SER A 239 13.09 -44.76 -4.93
C SER A 239 14.43 -44.15 -4.53
N PHE A 240 15.49 -44.32 -5.32
CA PHE A 240 16.75 -43.60 -5.08
C PHE A 240 16.55 -42.08 -5.14
N VAL A 241 16.05 -41.55 -6.25
CA VAL A 241 15.87 -40.09 -6.41
C VAL A 241 14.64 -39.55 -5.69
N SER A 242 13.53 -40.29 -5.58
CA SER A 242 12.29 -39.81 -4.94
C SER A 242 12.28 -39.92 -3.42
N PHE A 243 13.19 -40.70 -2.84
CA PHE A 243 13.27 -40.84 -1.39
C PHE A 243 14.69 -40.83 -0.86
N PHE A 244 15.61 -41.69 -1.28
CA PHE A 244 16.92 -41.74 -0.62
C PHE A 244 17.83 -40.50 -0.85
N ILE A 245 17.65 -39.71 -1.91
CA ILE A 245 18.26 -38.36 -1.98
C ILE A 245 17.55 -37.35 -1.07
N PRO A 246 16.24 -37.09 -1.14
CA PRO A 246 15.62 -36.13 -0.24
C PRO A 246 15.73 -36.54 1.23
N LEU A 247 15.81 -37.83 1.56
CA LEU A 247 16.19 -38.27 2.89
C LEU A 247 17.66 -37.93 3.24
N THR A 248 18.61 -38.10 2.32
CA THR A 248 20.00 -37.64 2.54
C THR A 248 20.07 -36.14 2.78
N ILE A 249 19.28 -35.34 2.05
CA ILE A 249 19.16 -33.90 2.30
C ILE A 249 18.50 -33.62 3.64
N MET A 250 17.44 -34.32 4.07
CA MET A 250 16.93 -34.13 5.42
C MET A 250 17.94 -34.51 6.50
N VAL A 251 18.73 -35.56 6.31
CA VAL A 251 19.79 -35.96 7.27
C VAL A 251 20.88 -34.87 7.40
N ILE A 252 21.45 -34.40 6.30
CA ILE A 252 22.49 -33.37 6.33
C ILE A 252 21.93 -32.01 6.80
N THR A 253 20.69 -31.68 6.43
CA THR A 253 20.02 -30.43 6.81
C THR A 253 19.56 -30.41 8.27
N TYR A 254 19.07 -31.52 8.83
CA TYR A 254 18.75 -31.61 10.25
C TYR A 254 20.01 -31.55 11.11
N PHE A 255 21.10 -32.17 10.63
CA PHE A 255 22.39 -32.08 11.33
C PHE A 255 22.88 -30.64 11.41
N LEU A 256 22.89 -29.93 10.28
CA LEU A 256 23.38 -28.55 10.26
C LEU A 256 22.45 -27.61 11.01
N THR A 257 21.13 -27.81 10.91
CA THR A 257 20.18 -26.94 11.58
C THR A 257 20.22 -27.11 13.10
N ILE A 258 20.29 -28.36 13.58
CA ILE A 258 20.36 -28.54 15.03
C ILE A 258 21.75 -28.20 15.56
N LYS A 259 22.80 -28.26 14.73
CA LYS A 259 24.10 -27.76 15.16
C LYS A 259 24.12 -26.24 15.25
N SER A 260 23.48 -25.57 14.29
CA SER A 260 23.39 -24.11 14.32
C SER A 260 22.52 -23.61 15.46
N LEU A 261 21.41 -24.30 15.74
CA LEU A 261 20.57 -23.90 16.86
C LEU A 261 21.20 -24.29 18.20
N GLN A 262 22.02 -25.33 18.21
CA GLN A 262 22.71 -25.71 19.44
C GLN A 262 23.91 -24.83 19.75
N LYS A 263 24.38 -24.04 18.78
CA LYS A 263 25.54 -23.17 18.99
C LYS A 263 25.15 -21.96 19.83
N ILE A 315 16.65 -18.55 24.48
CA ILE A 315 17.26 -19.86 24.39
C ILE A 315 16.19 -20.95 24.40
N SER A 316 15.17 -20.78 25.26
CA SER A 316 14.09 -21.75 25.35
C SER A 316 13.23 -21.76 24.10
N ASN A 317 13.10 -20.60 23.45
CA ASN A 317 12.38 -20.58 22.16
C ASN A 317 13.16 -21.52 21.23
N GLU A 318 14.49 -21.37 21.19
CA GLU A 318 15.25 -22.21 20.27
C GLU A 318 15.09 -23.69 20.59
N GLN A 319 15.00 -24.04 21.87
CA GLN A 319 14.91 -25.45 22.25
C GLN A 319 13.53 -26.03 21.95
N LYS A 320 12.47 -25.20 22.01
CA LYS A 320 11.16 -25.67 21.58
C LYS A 320 11.15 -25.97 20.08
N ALA A 321 11.80 -25.13 19.29
CA ALA A 321 11.95 -25.41 17.86
C ALA A 321 12.83 -26.62 17.61
N CYS A 322 13.84 -26.85 18.46
CA CYS A 322 14.64 -28.07 18.36
C CYS A 322 13.81 -29.32 18.61
N LYS A 323 12.93 -29.27 19.62
CA LYS A 323 12.04 -30.41 19.90
C LYS A 323 11.04 -30.64 18.76
N VAL A 324 10.50 -29.56 18.19
CA VAL A 324 9.56 -29.69 17.08
C VAL A 324 10.26 -30.26 15.83
N LEU A 325 11.48 -29.78 15.54
CA LEU A 325 12.26 -30.30 14.42
C LEU A 325 12.61 -31.77 14.62
N GLY A 326 12.97 -32.15 15.84
CA GLY A 326 13.26 -33.55 16.13
C GLY A 326 12.05 -34.45 15.98
N ILE A 327 10.88 -33.96 16.40
CA ILE A 327 9.65 -34.74 16.25
C ILE A 327 9.29 -34.90 14.77
N VAL A 328 9.43 -33.84 13.99
CA VAL A 328 9.08 -33.89 12.57
C VAL A 328 10.02 -34.82 11.81
N PHE A 329 11.33 -34.72 12.04
CA PHE A 329 12.29 -35.58 11.38
C PHE A 329 12.16 -37.03 11.83
N PHE A 330 11.98 -37.29 13.13
CA PHE A 330 11.89 -38.66 13.63
C PHE A 330 10.50 -39.25 13.45
N LEU A 331 9.54 -38.48 12.92
CA LEU A 331 8.30 -39.05 12.43
C LEU A 331 8.30 -39.27 10.92
N PHE A 332 8.97 -38.43 10.13
CA PHE A 332 9.07 -38.67 8.70
C PHE A 332 9.87 -39.93 8.39
N VAL A 333 11.04 -40.11 9.02
CA VAL A 333 11.84 -41.33 8.85
C VAL A 333 11.23 -42.56 9.53
N VAL A 334 10.10 -42.44 10.25
CA VAL A 334 9.41 -43.58 10.83
C VAL A 334 8.13 -43.92 10.08
N MET A 335 7.47 -42.95 9.45
CA MET A 335 6.18 -43.17 8.82
C MET A 335 6.28 -43.51 7.34
N TRP A 336 7.21 -42.93 6.58
CA TRP A 336 7.40 -43.27 5.17
C TRP A 336 8.53 -44.27 4.95
N CYS A 337 9.61 -44.22 5.73
CA CYS A 337 10.78 -45.05 5.45
C CYS A 337 10.51 -46.56 5.40
N PRO A 338 9.75 -47.22 6.32
CA PRO A 338 9.57 -48.68 6.23
C PRO A 338 9.04 -49.19 4.90
N PHE A 339 8.15 -48.45 4.24
CA PHE A 339 7.66 -48.88 2.93
C PHE A 339 8.77 -48.88 1.89
N PHE A 340 9.67 -47.88 1.91
CA PHE A 340 10.72 -47.75 0.90
C PHE A 340 11.88 -48.72 1.11
N ILE A 341 12.25 -49.04 2.35
CA ILE A 341 13.19 -50.14 2.61
C ILE A 341 12.54 -51.51 2.37
N THR A 342 11.23 -51.66 2.59
CA THR A 342 10.54 -52.91 2.30
C THR A 342 10.50 -53.19 0.80
N ASN A 343 10.03 -52.24 0.00
CA ASN A 343 9.93 -52.41 -1.45
C ASN A 343 11.33 -52.47 -2.11
N ILE A 344 12.32 -51.71 -1.63
CA ILE A 344 13.69 -51.80 -2.11
C ILE A 344 14.29 -53.19 -1.80
N MET A 345 14.08 -53.74 -0.60
CA MET A 345 14.54 -55.08 -0.29
C MET A 345 13.79 -56.15 -1.08
N ALA A 346 12.49 -55.95 -1.35
CA ALA A 346 11.72 -56.90 -2.13
C ALA A 346 12.17 -56.90 -3.59
N VAL A 347 12.59 -55.76 -4.14
CA VAL A 347 13.18 -55.69 -5.48
C VAL A 347 14.56 -56.31 -5.50
N ILE A 348 15.38 -56.09 -4.47
CA ILE A 348 16.74 -56.63 -4.46
C ILE A 348 16.79 -58.10 -4.09
N CYS A 349 15.72 -58.67 -3.54
CA CYS A 349 15.68 -60.10 -3.26
C CYS A 349 14.93 -60.85 -4.35
N ASN A 354 9.15 -66.18 0.46
CA ASN A 354 9.05 -64.99 1.30
C ASN A 354 8.25 -63.91 0.60
N GLU A 355 7.55 -64.29 -0.48
CA GLU A 355 6.75 -63.32 -1.22
C GLU A 355 5.49 -62.94 -0.45
N ASP A 356 4.87 -63.90 0.24
CA ASP A 356 3.66 -63.61 1.00
C ASP A 356 3.97 -62.73 2.22
N VAL A 357 5.14 -62.94 2.83
CA VAL A 357 5.55 -62.12 3.98
C VAL A 357 5.78 -60.68 3.56
N ILE A 358 6.47 -60.48 2.43
CA ILE A 358 6.72 -59.14 1.92
C ILE A 358 5.43 -58.48 1.45
N GLY A 359 4.51 -59.25 0.86
CA GLY A 359 3.23 -58.69 0.47
C GLY A 359 2.37 -58.28 1.64
N ALA A 360 2.34 -59.10 2.70
CA ALA A 360 1.58 -58.75 3.90
C ALA A 360 2.23 -57.60 4.64
N LEU A 361 3.55 -57.43 4.54
CA LEU A 361 4.19 -56.25 5.10
C LEU A 361 3.86 -55.00 4.29
N LEU A 362 3.85 -55.11 2.96
CA LEU A 362 3.55 -53.97 2.10
C LEU A 362 2.11 -53.50 2.28
N ASN A 363 1.18 -54.44 2.44
CA ASN A 363 -0.24 -54.12 2.59
C ASN A 363 -0.55 -53.35 3.88
N VAL A 364 0.34 -53.34 4.86
CA VAL A 364 0.18 -52.54 6.05
C VAL A 364 1.07 -51.30 6.02
N PHE A 365 2.28 -51.42 5.44
CA PHE A 365 3.20 -50.29 5.42
C PHE A 365 2.78 -49.21 4.44
N VAL A 366 2.00 -49.55 3.41
CA VAL A 366 1.39 -48.52 2.56
C VAL A 366 0.37 -47.71 3.36
N TRP A 367 -0.44 -48.39 4.18
CA TRP A 367 -1.41 -47.68 5.03
C TRP A 367 -0.73 -46.88 6.13
N ILE A 368 0.41 -47.34 6.63
CA ILE A 368 1.20 -46.52 7.54
C ILE A 368 1.77 -45.32 6.80
N GLY A 369 2.15 -45.50 5.53
CA GLY A 369 2.53 -44.36 4.71
C GLY A 369 1.39 -43.39 4.46
N TYR A 370 0.17 -43.90 4.36
CA TYR A 370 -1.01 -43.05 4.26
C TYR A 370 -1.31 -42.32 5.56
N LEU A 371 -0.86 -42.86 6.70
CA LEU A 371 -1.12 -42.22 7.98
C LEU A 371 -0.30 -40.94 8.17
N SER A 372 0.73 -40.73 7.35
CA SER A 372 1.44 -39.45 7.36
C SER A 372 0.54 -38.31 6.88
N SER A 373 -0.36 -38.60 5.93
CA SER A 373 -1.35 -37.62 5.51
C SER A 373 -2.35 -37.29 6.62
N ALA A 374 -2.48 -38.16 7.62
CA ALA A 374 -3.27 -37.84 8.79
C ALA A 374 -2.51 -36.97 9.80
N VAL A 375 -1.24 -36.66 9.53
CA VAL A 375 -0.39 -36.01 10.50
C VAL A 375 0.14 -34.65 10.03
N ASN A 376 0.57 -34.52 8.76
CA ASN A 376 1.04 -33.25 8.19
C ASN A 376 0.07 -32.06 8.29
N PRO A 377 -1.26 -32.23 8.18
CA PRO A 377 -2.13 -31.14 8.64
C PRO A 377 -2.05 -30.86 10.13
N LEU A 378 -1.83 -31.89 10.96
CA LEU A 378 -1.91 -31.67 12.40
C LEU A 378 -0.62 -31.09 12.95
N VAL A 379 0.50 -31.82 12.84
CA VAL A 379 1.67 -31.49 13.64
C VAL A 379 2.47 -30.34 13.04
N TYR A 380 2.20 -29.92 11.80
CA TYR A 380 2.88 -28.76 11.25
C TYR A 380 2.14 -27.46 11.52
N THR A 381 0.96 -27.51 12.12
CA THR A 381 0.20 -26.32 12.44
C THR A 381 -0.10 -26.20 13.94
N LEU A 382 -0.33 -27.33 14.61
CA LEU A 382 -0.85 -27.32 15.97
C LEU A 382 0.14 -26.82 17.02
N PHE A 383 1.41 -26.65 16.67
CA PHE A 383 2.34 -26.01 17.59
C PHE A 383 2.36 -24.48 17.45
N ASN A 384 1.47 -23.93 16.62
CA ASN A 384 1.28 -22.49 16.50
C ASN A 384 0.01 -22.10 17.26
N LYS A 385 0.05 -20.95 17.92
CA LYS A 385 -1.07 -20.52 18.76
C LYS A 385 -2.28 -20.12 17.93
N THR A 386 -2.07 -19.50 16.77
CA THR A 386 -3.16 -19.08 15.91
C THR A 386 -3.93 -20.26 15.35
N TYR A 387 -3.22 -21.31 14.92
CA TYR A 387 -3.88 -22.50 14.42
C TYR A 387 -4.60 -23.25 15.53
N ARG A 388 -4.03 -23.26 16.74
CA ARG A 388 -4.70 -23.88 17.88
C ARG A 388 -6.00 -23.15 18.22
N SER A 389 -5.97 -21.81 18.16
CA SER A 389 -7.18 -21.02 18.40
C SER A 389 -8.21 -21.26 17.29
N ALA A 390 -7.74 -21.38 16.04
CA ALA A 390 -8.65 -21.63 14.92
C ALA A 390 -9.29 -23.00 15.01
N PHE A 391 -8.52 -24.01 15.44
CA PHE A 391 -9.08 -25.35 15.62
C PHE A 391 -10.01 -25.41 16.83
N SER A 392 -9.72 -24.64 17.87
CA SER A 392 -10.61 -24.59 19.03
C SER A 392 -11.88 -23.81 18.71
N ARG A 393 -11.84 -22.93 17.70
CA ARG A 393 -13.04 -22.23 17.27
C ARG A 393 -14.04 -23.19 16.62
N TYR A 394 -13.55 -24.15 15.85
CA TYR A 394 -14.41 -25.13 15.19
C TYR A 394 -14.67 -26.33 16.10
N THR B 4 -14.23 -2.85 -25.76
CA THR B 4 -14.75 -1.58 -25.26
C THR B 4 -13.66 -0.77 -24.53
N VAL B 5 -12.39 -1.07 -24.81
CA VAL B 5 -11.25 -0.40 -24.19
C VAL B 5 -10.42 0.23 -25.31
N SER B 6 -10.20 1.54 -25.22
CA SER B 6 -9.58 2.27 -26.30
C SER B 6 -8.07 2.13 -26.27
N ALA B 7 -7.44 2.54 -27.37
CA ALA B 7 -5.98 2.60 -27.42
C ALA B 7 -5.44 3.56 -26.37
N GLU B 8 -6.17 4.64 -26.09
CA GLU B 8 -5.76 5.53 -25.01
C GLU B 8 -5.83 4.84 -23.65
N ASP B 9 -6.89 4.08 -23.39
CA ASP B 9 -6.97 3.41 -22.10
C ASP B 9 -5.90 2.32 -21.97
N LYS B 10 -5.58 1.65 -23.08
CA LYS B 10 -4.53 0.62 -23.03
C LYS B 10 -3.15 1.26 -22.90
N ALA B 11 -2.91 2.38 -23.58
CA ALA B 11 -1.62 3.05 -23.46
C ALA B 11 -1.46 3.66 -22.06
N ALA B 12 -2.57 4.10 -21.47
CA ALA B 12 -2.54 4.50 -20.07
C ALA B 12 -2.24 3.30 -19.18
N ALA B 13 -2.81 2.14 -19.51
CA ALA B 13 -2.54 0.93 -18.76
C ALA B 13 -1.07 0.54 -18.85
N GLU B 14 -0.43 0.84 -19.99
CA GLU B 14 1.01 0.58 -20.12
C GLU B 14 1.79 1.32 -19.04
N ARG B 15 1.72 2.65 -19.03
CA ARG B 15 2.49 3.49 -18.08
C ARG B 15 1.98 3.27 -16.64
N SER B 16 0.72 2.84 -16.46
CA SER B 16 0.22 2.46 -15.14
C SER B 16 0.87 1.19 -14.63
N LYS B 17 1.00 0.19 -15.50
CA LYS B 17 1.64 -1.06 -15.10
C LYS B 17 3.15 -0.88 -14.94
N MET B 18 3.74 0.01 -15.73
CA MET B 18 5.14 0.38 -15.48
C MET B 18 5.28 1.10 -14.15
N ILE B 19 4.28 1.90 -13.77
CA ILE B 19 4.30 2.54 -12.46
C ILE B 19 4.21 1.47 -11.36
N ASP B 20 3.36 0.47 -11.57
CA ASP B 20 3.26 -0.63 -10.61
C ASP B 20 4.59 -1.37 -10.50
N LYS B 21 5.23 -1.64 -11.64
CA LYS B 21 6.51 -2.34 -11.64
C LYS B 21 7.59 -1.49 -10.96
N ASN B 22 7.61 -0.19 -11.23
CA ASN B 22 8.61 0.70 -10.63
C ASN B 22 8.39 0.83 -9.13
N LEU B 23 7.14 0.91 -8.69
CA LEU B 23 6.85 0.89 -7.26
C LEU B 23 7.29 -0.43 -6.62
N ARG B 24 7.06 -1.56 -7.32
CA ARG B 24 7.54 -2.84 -6.82
C ARG B 24 9.06 -2.86 -6.68
N GLU B 25 9.77 -2.33 -7.70
CA GLU B 25 11.22 -2.33 -7.66
C GLU B 25 11.73 -1.42 -6.56
N ASP B 26 11.11 -0.25 -6.39
CA ASP B 26 11.52 0.67 -5.33
C ASP B 26 11.28 0.05 -3.96
N GLY B 27 10.14 -0.62 -3.78
CA GLY B 27 9.88 -1.27 -2.52
C GLY B 27 10.85 -2.39 -2.22
N GLU B 28 11.15 -3.21 -3.23
CA GLU B 28 12.11 -4.30 -3.05
C GLU B 28 13.49 -3.76 -2.73
N LYS B 29 13.88 -2.64 -3.35
CA LYS B 29 15.13 -1.99 -2.96
C LYS B 29 15.08 -1.52 -1.51
N ALA B 30 13.92 -1.04 -1.07
CA ALA B 30 13.80 -0.53 0.30
C ALA B 30 13.86 -1.66 1.33
N ARG B 31 13.29 -2.84 1.00
CA ARG B 31 13.18 -3.90 2.00
C ARG B 31 14.54 -4.49 2.33
N ARG B 32 15.51 -4.31 1.43
CA ARG B 32 16.89 -4.80 1.71
C ARG B 32 17.44 -4.04 2.93
N THR B 33 17.14 -2.74 3.01
CA THR B 33 17.59 -1.92 4.13
C THR B 33 16.82 -2.28 5.39
N LEU B 34 17.48 -2.13 6.54
CA LEU B 34 16.90 -2.35 7.85
C LEU B 34 16.87 -1.02 8.59
N ARG B 35 15.74 -0.71 9.21
CA ARG B 35 15.43 0.62 9.73
C ARG B 35 15.57 0.62 11.24
N LEU B 36 16.26 1.63 11.77
CA LEU B 36 16.49 1.80 13.20
C LEU B 36 16.06 3.19 13.62
N LEU B 37 15.45 3.30 14.79
CA LEU B 37 15.01 4.56 15.38
C LEU B 37 15.73 4.78 16.70
N LEU B 38 16.49 5.86 16.80
CA LEU B 38 17.35 6.12 17.94
C LEU B 38 16.73 7.23 18.78
N LEU B 39 16.26 6.87 19.98
CA LEU B 39 15.68 7.80 20.95
C LEU B 39 16.56 7.87 22.19
N GLY B 40 17.07 9.07 22.49
CA GLY B 40 17.72 9.36 23.75
C GLY B 40 17.20 10.66 24.30
N ALA B 41 16.80 10.66 25.58
CA ALA B 41 16.21 11.87 26.18
C ALA B 41 17.23 13.00 26.19
N ASP B 42 18.39 12.78 26.79
CA ASP B 42 19.49 13.73 26.76
C ASP B 42 20.71 13.09 27.44
N ASN B 43 21.86 13.71 27.24
CA ASN B 43 23.16 13.22 27.71
C ASN B 43 23.44 11.82 27.16
N SER B 44 22.93 11.50 25.97
CA SER B 44 22.90 10.12 25.52
C SER B 44 24.17 9.72 24.78
N GLY B 45 24.65 10.59 23.89
CA GLY B 45 25.70 10.20 22.95
C GLY B 45 25.14 9.55 21.70
N LYS B 46 24.01 10.07 21.22
CA LYS B 46 23.35 9.49 20.05
C LYS B 46 24.23 9.57 18.81
N SER B 47 24.92 10.70 18.64
CA SER B 47 25.95 10.77 17.61
C SER B 47 27.13 9.87 17.96
N THR B 48 27.43 9.74 19.25
CA THR B 48 28.64 9.07 19.69
C THR B 48 28.62 7.56 19.41
N ILE B 49 27.42 6.96 19.34
CA ILE B 49 27.32 5.50 19.29
C ILE B 49 28.02 4.93 18.06
N VAL B 50 27.73 5.48 16.88
CA VAL B 50 28.37 5.08 15.63
C VAL B 50 28.98 6.34 15.01
N LYS B 51 30.30 6.30 14.78
CA LYS B 51 31.08 7.43 14.33
C LYS B 51 31.60 7.29 12.90
N GLN B 52 31.49 6.10 12.30
CA GLN B 52 32.12 5.87 11.00
C GLN B 52 31.48 6.73 9.92
N MET B 53 30.15 6.77 9.88
CA MET B 53 29.40 7.62 8.96
C MET B 53 28.72 8.74 9.74
N ARG B 54 29.23 9.96 9.55
CA ARG B 54 28.66 11.25 10.02
C ARG B 54 29.75 12.31 9.94
N THR B 66 16.31 19.44 6.79
CA THR B 66 16.54 18.19 7.51
C THR B 66 16.57 18.37 9.03
N SER B 67 16.03 19.49 9.52
CA SER B 67 16.00 19.72 10.96
C SER B 67 14.99 18.82 11.66
N GLY B 68 13.86 18.54 10.99
CA GLY B 68 12.83 17.72 11.61
C GLY B 68 13.30 16.31 11.89
N ILE B 69 13.94 15.68 10.91
CA ILE B 69 14.51 14.33 11.05
C ILE B 69 15.95 14.35 10.55
N PHE B 70 16.85 13.78 11.34
CA PHE B 70 18.27 13.68 11.02
C PHE B 70 18.66 12.21 10.93
N GLU B 71 19.28 11.84 9.82
CA GLU B 71 19.58 10.45 9.51
C GLU B 71 21.09 10.24 9.44
N THR B 72 21.55 9.18 10.10
CA THR B 72 22.88 8.61 9.92
C THR B 72 22.74 7.17 9.48
N LYS B 73 23.51 6.79 8.46
CA LYS B 73 23.38 5.51 7.78
C LYS B 73 24.75 4.86 7.75
N PHE B 74 24.83 3.58 8.15
CA PHE B 74 26.06 2.82 8.12
C PHE B 74 25.79 1.45 7.52
N GLN B 75 26.84 0.86 6.93
CA GLN B 75 26.80 -0.49 6.37
C GLN B 75 27.85 -1.34 7.06
N VAL B 76 27.45 -2.52 7.53
CA VAL B 76 28.34 -3.50 8.14
C VAL B 76 28.09 -4.84 7.47
N ASP B 77 29.18 -5.47 7.01
CA ASP B 77 29.12 -6.77 6.32
C ASP B 77 28.20 -6.70 5.10
N LYS B 78 28.20 -5.56 4.43
CA LYS B 78 27.34 -5.30 3.29
C LYS B 78 25.85 -5.40 3.66
N VAL B 79 25.52 -5.06 4.91
CA VAL B 79 24.14 -4.96 5.38
C VAL B 79 23.92 -3.52 5.79
N ASN B 80 22.94 -2.87 5.16
CA ASN B 80 22.74 -1.43 5.27
C ASN B 80 21.72 -1.14 6.37
N PHE B 81 22.08 -0.23 7.27
CA PHE B 81 21.25 0.16 8.41
C PHE B 81 20.93 1.64 8.34
N HIS B 82 19.66 1.97 8.52
CA HIS B 82 19.17 3.34 8.53
C HIS B 82 18.79 3.73 9.95
N MET B 83 19.46 4.76 10.47
CA MET B 83 19.26 5.27 11.81
C MET B 83 18.62 6.64 11.71
N PHE B 84 17.52 6.85 12.44
CA PHE B 84 16.76 8.09 12.39
C PHE B 84 16.69 8.72 13.79
N ASP B 85 17.14 9.96 13.89
CA ASP B 85 17.14 10.74 15.12
C ASP B 85 16.46 12.08 14.81
N VAL B 86 15.64 12.56 15.75
CA VAL B 86 14.82 13.75 15.57
C VAL B 86 15.33 14.85 16.51
N GLY B 87 15.78 15.96 15.91
CA GLY B 87 16.08 17.14 16.70
C GLY B 87 14.89 18.08 16.83
N GLY B 88 14.04 18.12 15.81
CA GLY B 88 12.99 19.11 15.77
C GLY B 88 11.90 18.90 16.83
N GLN B 89 11.53 17.65 17.06
CA GLN B 89 10.35 17.37 17.88
C GLN B 89 10.57 17.78 19.33
N ARG B 90 9.47 18.10 20.00
CA ARG B 90 9.51 18.44 21.42
C ARG B 90 9.78 17.20 22.27
N ASP B 91 9.73 17.39 23.59
CA ASP B 91 10.00 16.29 24.51
C ASP B 91 8.97 15.17 24.36
N GLU B 92 7.69 15.51 24.32
CA GLU B 92 6.65 14.49 24.27
C GLU B 92 6.56 13.95 22.84
N ARG B 93 6.57 12.62 22.71
CA ARG B 93 6.78 11.95 21.43
C ARG B 93 5.59 11.09 20.99
N ARG B 94 4.37 11.43 21.40
CA ARG B 94 3.25 10.50 21.25
C ARG B 94 2.90 10.24 19.79
N LYS B 95 2.81 11.29 18.98
CA LYS B 95 2.18 11.14 17.66
C LYS B 95 3.18 10.66 16.61
N TRP B 96 4.40 11.21 16.60
CA TRP B 96 5.35 10.83 15.56
C TRP B 96 5.88 9.42 15.74
N ILE B 97 5.71 8.83 16.92
CA ILE B 97 6.16 7.45 17.15
C ILE B 97 5.35 6.47 16.29
N GLN B 98 4.10 6.84 15.96
CA GLN B 98 3.22 5.90 15.27
C GLN B 98 3.74 5.54 13.88
N CYS B 99 4.48 6.46 13.24
CA CYS B 99 5.04 6.17 11.93
C CYS B 99 6.03 5.01 11.99
N PHE B 100 6.84 4.97 13.03
CA PHE B 100 7.97 4.04 13.12
C PHE B 100 7.56 2.77 13.88
N ASN B 101 6.55 2.08 13.35
CA ASN B 101 6.19 0.74 13.81
C ASN B 101 6.70 -0.36 12.89
N ASP B 102 7.27 -0.01 11.73
CA ASP B 102 7.92 -0.97 10.83
C ASP B 102 9.43 -1.08 11.06
N VAL B 103 9.99 -0.36 12.04
CA VAL B 103 11.43 -0.37 12.25
C VAL B 103 11.87 -1.76 12.71
N THR B 104 13.13 -2.09 12.45
CA THR B 104 13.67 -3.35 12.94
C THR B 104 13.88 -3.30 14.46
N ALA B 105 14.48 -2.22 14.96
CA ALA B 105 14.74 -2.06 16.38
C ALA B 105 14.78 -0.58 16.72
N ILE B 106 14.57 -0.28 18.00
CA ILE B 106 14.65 1.08 18.54
C ILE B 106 15.75 1.09 19.60
N ILE B 107 16.82 1.82 19.33
CA ILE B 107 17.96 1.90 20.24
C ILE B 107 17.73 3.03 21.22
N PHE B 108 17.62 2.68 22.50
CA PHE B 108 17.52 3.63 23.60
C PHE B 108 18.90 3.71 24.26
N VAL B 109 19.55 4.85 24.11
CA VAL B 109 20.81 5.16 24.77
C VAL B 109 20.48 5.96 26.02
N VAL B 110 21.09 5.57 27.14
CA VAL B 110 20.75 6.10 28.46
C VAL B 110 22.00 6.61 29.15
N ASP B 111 21.79 7.52 30.10
CA ASP B 111 22.89 8.14 30.83
C ASP B 111 23.34 7.21 31.95
N SER B 112 24.45 6.51 31.75
CA SER B 112 24.99 5.66 32.79
C SER B 112 25.57 6.49 33.95
N SER B 113 26.13 7.66 33.64
CA SER B 113 26.95 8.38 34.60
C SER B 113 26.15 8.86 35.81
N ASP B 114 25.15 9.73 35.54
CA ASP B 114 24.38 10.39 36.63
C ASP B 114 23.26 9.47 37.11
N TYR B 115 22.91 9.57 38.40
CA TYR B 115 21.89 8.72 38.98
C TYR B 115 20.51 9.39 38.99
N ASN B 116 20.47 10.71 39.21
CA ASN B 116 19.19 11.41 39.30
C ASN B 116 18.39 11.29 38.02
N ARG B 117 19.05 11.16 36.87
CA ARG B 117 18.35 11.01 35.60
C ARG B 117 17.58 9.69 35.56
N LEU B 118 18.24 8.63 36.05
CA LEU B 118 17.80 7.21 35.89
C LEU B 118 16.34 6.87 36.18
N GLN B 119 15.67 7.51 37.13
CA GLN B 119 14.24 7.21 37.34
C GLN B 119 13.41 7.70 36.17
N GLU B 120 13.64 8.93 35.72
CA GLU B 120 12.94 9.45 34.55
C GLU B 120 13.32 8.67 33.30
N ALA B 121 14.58 8.23 33.21
CA ALA B 121 15.01 7.42 32.07
C ALA B 121 14.27 6.09 32.03
N LEU B 122 14.08 5.46 33.20
CA LEU B 122 13.33 4.21 33.26
C LEU B 122 11.86 4.45 32.92
N ASN B 123 11.30 5.58 33.35
CA ASN B 123 9.94 5.92 32.95
C ASN B 123 9.84 6.09 31.44
N ASP B 124 10.85 6.71 30.83
CA ASP B 124 10.87 6.84 29.37
C ASP B 124 10.98 5.46 28.71
N PHE B 125 11.76 4.55 29.31
CA PHE B 125 11.86 3.20 28.78
C PHE B 125 10.50 2.51 28.81
N LYS B 126 9.77 2.67 29.92
CA LYS B 126 8.43 2.12 30.02
C LYS B 126 7.51 2.74 28.98
N SER B 127 7.67 4.04 28.73
CA SER B 127 6.84 4.72 27.73
C SER B 127 7.06 4.14 26.34
N ILE B 128 8.32 3.97 25.93
CA ILE B 128 8.58 3.42 24.59
C ILE B 128 8.17 1.96 24.53
N TRP B 129 8.38 1.20 25.62
CA TRP B 129 8.10 -0.24 25.60
C TRP B 129 6.61 -0.52 25.56
N ASN B 130 5.82 0.20 26.36
CA ASN B 130 4.41 -0.13 26.58
C ASN B 130 3.47 0.56 25.59
N ASN B 131 3.99 1.29 24.61
CA ASN B 131 3.11 1.94 23.64
C ASN B 131 2.37 0.90 22.82
N ARG B 132 1.10 1.18 22.53
CA ARG B 132 0.24 0.21 21.86
C ARG B 132 0.74 -0.10 20.45
N TRP B 133 1.27 0.91 19.75
CA TRP B 133 1.67 0.72 18.36
C TRP B 133 3.06 0.09 18.27
N LEU B 134 3.91 0.30 19.28
CA LEU B 134 5.30 -0.12 19.27
C LEU B 134 5.54 -1.42 20.05
N ARG B 135 4.49 -2.21 20.29
CA ARG B 135 4.65 -3.45 21.06
C ARG B 135 5.58 -4.44 20.36
N THR B 136 5.37 -4.65 19.06
CA THR B 136 6.10 -5.70 18.35
C THR B 136 7.61 -5.42 18.30
N ILE B 137 8.00 -4.15 18.36
CA ILE B 137 9.41 -3.81 18.17
C ILE B 137 10.18 -4.15 19.44
N SER B 138 11.46 -4.46 19.24
CA SER B 138 12.33 -4.72 20.40
C SER B 138 13.21 -3.49 20.64
N VAL B 139 14.07 -3.54 21.64
CA VAL B 139 14.93 -2.44 22.02
C VAL B 139 16.36 -2.97 22.22
N ILE B 140 17.33 -2.20 21.74
CA ILE B 140 18.75 -2.49 21.91
C ILE B 140 19.32 -1.36 22.76
N LEU B 141 19.84 -1.67 23.94
CA LEU B 141 20.13 -0.67 24.96
C LEU B 141 21.64 -0.58 25.19
N PHE B 142 22.16 0.65 25.09
CA PHE B 142 23.56 0.96 25.39
C PHE B 142 23.62 1.95 26.55
N LEU B 143 24.41 1.63 27.57
CA LEU B 143 24.66 2.54 28.68
C LEU B 143 25.95 3.31 28.38
N ASN B 144 25.80 4.52 27.84
CA ASN B 144 26.97 5.28 27.43
C ASN B 144 27.71 5.87 28.63
N LYS B 145 28.99 6.19 28.41
CA LYS B 145 29.84 6.80 29.42
C LYS B 145 29.97 5.94 30.66
N GLN B 146 30.00 4.61 30.49
CA GLN B 146 30.13 3.73 31.64
C GLN B 146 31.51 3.85 32.27
N ASP B 147 32.52 4.22 31.48
CA ASP B 147 33.83 4.51 32.06
C ASP B 147 33.77 5.74 32.97
N LEU B 148 33.03 6.77 32.55
CA LEU B 148 32.83 7.93 33.40
C LEU B 148 32.05 7.55 34.65
N LEU B 149 31.09 6.64 34.51
CA LEU B 149 30.37 6.14 35.68
C LEU B 149 31.32 5.41 36.62
N ALA B 150 32.20 4.59 36.06
CA ALA B 150 33.12 3.80 36.87
C ALA B 150 34.09 4.70 37.62
N GLU B 151 34.57 5.77 36.98
CA GLU B 151 35.45 6.70 37.69
C GLU B 151 34.73 7.34 38.88
N LYS B 152 33.49 7.78 38.68
CA LYS B 152 32.75 8.43 39.75
C LYS B 152 32.45 7.46 40.88
N VAL B 153 32.05 6.22 40.55
CA VAL B 153 31.68 5.26 41.58
C VAL B 153 32.93 4.76 42.31
N LEU B 154 34.07 4.68 41.60
CA LEU B 154 35.33 4.37 42.26
C LEU B 154 35.72 5.47 43.23
N ALA B 155 35.46 6.72 42.87
CA ALA B 155 35.60 7.80 43.84
C ALA B 155 34.65 7.58 45.01
N GLY B 156 33.42 7.13 44.73
CA GLY B 156 32.51 6.68 45.75
C GLY B 156 31.80 7.77 46.52
N LYS B 157 31.87 9.03 46.06
CA LYS B 157 31.23 10.11 46.80
C LYS B 157 29.71 9.97 46.81
N SER B 158 29.12 9.64 45.66
CA SER B 158 27.68 9.49 45.50
C SER B 158 27.35 8.03 45.26
N LYS B 159 26.37 7.51 46.00
CA LYS B 159 25.99 6.12 45.97
C LYS B 159 24.60 6.02 45.34
N ILE B 160 24.50 5.30 44.21
CA ILE B 160 23.22 5.13 43.54
C ILE B 160 22.29 4.27 44.39
N GLU B 161 22.86 3.45 45.28
CA GLU B 161 22.06 2.69 46.23
C GLU B 161 21.26 3.61 47.15
N ASP B 162 21.72 4.84 47.35
CA ASP B 162 20.94 5.81 48.10
C ASP B 162 19.69 6.22 47.31
N TYR B 163 19.81 6.32 45.97
CA TYR B 163 18.69 6.79 45.17
C TYR B 163 17.52 5.81 45.17
N PHE B 164 17.78 4.52 45.42
CA PHE B 164 16.75 3.49 45.45
C PHE B 164 16.95 2.57 46.65
N PRO B 165 15.92 2.41 47.49
CA PRO B 165 16.05 1.53 48.66
C PRO B 165 16.34 0.07 48.31
N GLU B 166 15.81 -0.41 47.20
CA GLU B 166 16.12 -1.78 46.77
C GLU B 166 17.58 -1.89 46.38
N PHE B 167 18.11 -0.88 45.69
CA PHE B 167 19.52 -0.85 45.36
C PHE B 167 20.39 -0.70 46.60
N ALA B 168 19.81 -0.19 47.71
CA ALA B 168 20.55 -0.09 48.96
C ALA B 168 21.07 -1.45 49.41
N ARG B 169 20.28 -2.50 49.22
CA ARG B 169 20.69 -3.88 49.49
C ARG B 169 20.61 -4.66 48.19
N TYR B 170 21.78 -4.91 47.57
CA TYR B 170 21.87 -5.56 46.27
C TYR B 170 23.03 -6.54 46.28
N THR B 171 22.85 -7.64 45.55
CA THR B 171 23.87 -8.67 45.37
C THR B 171 24.08 -8.88 43.87
N THR B 172 25.35 -8.86 43.46
CA THR B 172 25.68 -9.06 42.04
C THR B 172 25.29 -10.47 41.59
N GLU B 182 37.72 -4.41 36.19
CA GLU B 182 36.79 -3.59 36.94
C GLU B 182 36.62 -4.13 38.37
N ASP B 183 36.40 -3.22 39.31
CA ASP B 183 36.24 -3.63 40.69
C ASP B 183 34.91 -4.37 40.87
N PRO B 184 34.82 -5.31 41.83
CA PRO B 184 33.54 -6.00 42.02
C PRO B 184 32.39 -5.08 42.44
N ARG B 185 32.67 -4.05 43.24
CA ARG B 185 31.60 -3.15 43.67
C ARG B 185 31.05 -2.34 42.50
N VAL B 186 31.94 -1.77 41.68
CA VAL B 186 31.51 -1.01 40.51
C VAL B 186 30.79 -1.93 39.53
N THR B 187 31.28 -3.15 39.37
CA THR B 187 30.61 -4.11 38.50
C THR B 187 29.22 -4.45 39.02
N ARG B 188 29.09 -4.59 40.34
CA ARG B 188 27.78 -4.88 40.93
C ARG B 188 26.81 -3.73 40.70
N ALA B 189 27.27 -2.49 40.88
CA ALA B 189 26.40 -1.34 40.63
C ALA B 189 26.00 -1.26 39.16
N LYS B 190 26.95 -1.54 38.27
CA LYS B 190 26.68 -1.51 36.83
C LYS B 190 25.66 -2.57 36.44
N TYR B 191 25.84 -3.79 36.93
CA TYR B 191 24.85 -4.85 36.68
C TYR B 191 23.52 -4.51 37.33
N PHE B 192 23.54 -3.82 38.47
CA PHE B 192 22.29 -3.44 39.13
C PHE B 192 21.48 -2.48 38.28
N ILE B 193 22.14 -1.45 37.73
CA ILE B 193 21.39 -0.52 36.87
C ILE B 193 20.94 -1.22 35.60
N ARG B 194 21.76 -2.15 35.07
CA ARG B 194 21.34 -2.91 33.90
C ARG B 194 20.08 -3.72 34.19
N LYS B 195 20.07 -4.43 35.31
CA LYS B 195 18.88 -5.18 35.70
C LYS B 195 17.70 -4.26 35.98
N GLU B 196 17.98 -3.03 36.44
CA GLU B 196 16.91 -2.06 36.61
C GLU B 196 16.25 -1.73 35.28
N PHE B 197 17.04 -1.56 34.22
CA PHE B 197 16.45 -1.31 32.91
C PHE B 197 15.72 -2.56 32.37
N VAL B 198 16.26 -3.76 32.63
CA VAL B 198 15.60 -4.98 32.13
C VAL B 198 14.29 -5.25 32.89
N ASP B 199 14.21 -4.79 34.15
CA ASP B 199 13.06 -5.07 34.99
C ASP B 199 11.77 -4.52 34.40
N ILE B 200 11.82 -3.30 33.87
CA ILE B 200 10.63 -2.73 33.23
C ILE B 200 10.26 -3.55 32.00
N SER B 201 11.26 -4.02 31.25
CA SER B 201 10.95 -4.70 29.96
C SER B 201 10.34 -6.10 30.17
N THR B 202 10.77 -6.83 31.20
CA THR B 202 10.30 -8.22 31.32
C THR B 202 8.80 -8.30 31.69
N ALA B 203 8.23 -7.21 32.23
CA ALA B 203 6.93 -7.29 32.87
C ALA B 203 5.82 -7.66 31.91
N SER B 204 5.89 -7.20 30.66
CA SER B 204 4.82 -7.50 29.70
C SER B 204 4.74 -9.00 29.43
N GLY B 205 5.87 -9.65 29.21
CA GLY B 205 5.92 -11.10 29.13
C GLY B 205 5.34 -11.71 27.88
N ASP B 206 5.01 -10.91 26.85
CA ASP B 206 4.44 -11.47 25.63
C ASP B 206 5.44 -12.37 24.92
N GLY B 207 6.72 -11.98 24.92
CA GLY B 207 7.77 -12.74 24.26
C GLY B 207 7.99 -12.39 22.80
N ARG B 208 7.08 -11.63 22.19
CA ARG B 208 7.31 -11.14 20.83
C ARG B 208 8.42 -10.10 20.80
N HIS B 209 8.67 -9.43 21.92
CA HIS B 209 9.59 -8.30 22.01
C HIS B 209 10.40 -8.41 23.29
N ILE B 210 11.73 -8.44 23.13
CA ILE B 210 12.68 -8.62 24.22
C ILE B 210 13.77 -7.57 24.10
N CYS B 211 14.13 -6.94 25.22
CA CYS B 211 15.15 -5.91 25.24
C CYS B 211 16.51 -6.55 25.48
N TYR B 212 17.53 -6.00 24.85
CA TYR B 212 18.89 -6.52 24.89
C TYR B 212 19.80 -5.51 25.54
N PRO B 213 20.21 -5.66 26.80
CA PRO B 213 21.14 -4.68 27.38
C PRO B 213 22.56 -4.89 26.90
N HIS B 214 23.26 -3.79 26.62
CA HIS B 214 24.68 -3.80 26.31
C HIS B 214 25.35 -2.64 27.02
N PHE B 215 26.65 -2.78 27.27
CA PHE B 215 27.44 -1.79 27.97
C PHE B 215 28.47 -1.23 27.00
N THR B 216 28.69 0.09 27.04
CA THR B 216 29.69 0.71 26.20
C THR B 216 30.20 1.99 26.84
N CYS B 217 31.51 2.22 26.72
CA CYS B 217 32.11 3.48 27.19
C CYS B 217 31.83 4.50 26.09
N ALA B 218 32.34 5.71 26.23
CA ALA B 218 32.09 6.79 25.29
C ALA B 218 32.69 6.48 23.92
N VAL B 219 33.91 5.95 23.88
CA VAL B 219 34.63 5.68 22.64
C VAL B 219 34.84 4.17 22.54
N ASP B 220 33.95 3.51 21.80
CA ASP B 220 34.05 2.09 21.46
C ASP B 220 34.26 1.99 19.96
N THR B 221 35.17 1.09 19.55
CA THR B 221 35.55 1.03 18.14
C THR B 221 34.38 0.62 17.26
N GLU B 222 33.55 -0.32 17.73
CA GLU B 222 32.35 -0.72 17.01
C GLU B 222 31.27 -1.13 18.00
N ASN B 223 30.22 -0.31 18.09
CA ASN B 223 28.90 -0.75 18.55
C ASN B 223 28.05 -1.26 17.39
N ALA B 224 28.48 -1.01 16.14
CA ALA B 224 27.77 -1.55 14.98
C ALA B 224 27.77 -3.07 15.00
N ARG B 225 28.81 -3.69 15.55
CA ARG B 225 28.82 -5.13 15.71
C ARG B 225 27.67 -5.60 16.61
N ARG B 226 27.46 -4.89 17.72
CA ARG B 226 26.39 -5.27 18.63
C ARG B 226 25.04 -5.03 17.97
N ILE B 227 24.89 -3.92 17.24
CA ILE B 227 23.63 -3.68 16.52
C ILE B 227 23.39 -4.79 15.50
N PHE B 228 24.45 -5.22 14.84
CA PHE B 228 24.35 -6.24 13.76
C PHE B 228 23.94 -7.60 14.35
N ASN B 229 24.56 -8.05 15.46
CA ASN B 229 24.21 -9.36 16.02
C ASN B 229 22.85 -9.33 16.68
N ASP B 230 22.47 -8.18 17.25
CA ASP B 230 21.11 -8.07 17.75
C ASP B 230 20.09 -8.14 16.62
N CYS B 231 20.39 -7.51 15.48
CA CYS B 231 19.43 -7.54 14.37
C CYS B 231 19.23 -8.95 13.83
N LYS B 232 20.31 -9.73 13.69
CA LYS B 232 20.13 -11.10 13.23
C LYS B 232 19.40 -11.93 14.28
N ASP B 233 19.60 -11.63 15.57
CA ASP B 233 18.84 -12.34 16.60
C ASP B 233 17.34 -12.05 16.49
N ILE B 234 16.97 -10.77 16.32
CA ILE B 234 15.55 -10.41 16.18
C ILE B 234 14.96 -11.06 14.94
N ILE B 235 15.67 -11.00 13.81
CA ILE B 235 15.16 -11.54 12.57
C ILE B 235 15.03 -13.06 12.67
N LEU B 236 16.00 -13.66 13.39
CA LEU B 236 16.02 -15.12 13.64
C LEU B 236 14.75 -15.50 14.39
N GLN B 237 14.41 -14.76 15.46
CA GLN B 237 13.23 -15.07 16.27
C GLN B 237 11.95 -14.87 15.47
N MET B 238 11.87 -13.81 14.66
CA MET B 238 10.68 -13.60 13.86
C MET B 238 10.52 -14.70 12.82
N ASN B 239 11.63 -15.16 12.24
CA ASN B 239 11.55 -16.25 11.27
C ASN B 239 11.12 -17.55 11.93
N LEU B 240 11.59 -17.81 13.15
CA LEU B 240 11.17 -19.02 13.91
C LEU B 240 9.66 -18.92 14.12
N ARG B 241 9.15 -17.74 14.48
CA ARG B 241 7.70 -17.53 14.72
C ARG B 241 6.96 -17.76 13.40
N GLU B 242 7.50 -17.28 12.28
CA GLU B 242 6.83 -17.37 10.99
C GLU B 242 6.73 -18.82 10.51
N TYR B 243 7.81 -19.59 10.68
CA TYR B 243 7.85 -20.97 10.20
C TYR B 243 7.18 -21.97 11.13
N ASN B 244 6.51 -21.51 12.20
CA ASN B 244 5.79 -22.32 13.19
C ASN B 244 6.75 -23.17 14.03
N LEU B 245 8.05 -22.90 13.97
CA LEU B 245 9.05 -23.66 14.78
C LEU B 245 8.77 -23.35 16.26
N VAL B 246 8.32 -22.13 16.57
CA VAL B 246 7.95 -21.72 17.93
C VAL B 246 6.57 -21.07 17.87
N GLU C 30 -10.28 33.34 34.52
CA GLU C 30 -11.22 32.29 34.19
C GLU C 30 -12.65 32.55 34.70
N GLN C 31 -12.83 33.66 35.43
CA GLN C 31 -14.17 34.02 35.89
C GLN C 31 -15.10 34.27 34.72
N LEU C 32 -14.61 34.96 33.69
CA LEU C 32 -15.41 35.18 32.49
C LEU C 32 -15.73 33.86 31.80
N LYS C 33 -14.80 32.90 31.85
CA LYS C 33 -15.06 31.59 31.27
C LYS C 33 -16.19 30.88 32.00
N ASN C 34 -16.18 30.95 33.34
CA ASN C 34 -17.29 30.38 34.11
C ASN C 34 -18.59 31.10 33.79
N GLN C 35 -18.54 32.43 33.68
CA GLN C 35 -19.70 33.17 33.18
C GLN C 35 -20.03 32.75 31.76
N ILE C 36 -19.00 32.51 30.95
CA ILE C 36 -19.22 32.03 29.58
C ILE C 36 -19.85 30.65 29.62
N ARG C 37 -19.46 29.81 30.59
CA ARG C 37 -20.04 28.47 30.71
C ARG C 37 -21.53 28.55 31.03
N ASP C 38 -21.92 29.48 31.92
CA ASP C 38 -23.33 29.70 32.16
C ASP C 38 -24.02 30.34 30.96
N ALA C 39 -23.29 31.19 30.23
CA ALA C 39 -23.87 31.87 29.08
C ALA C 39 -24.27 30.87 27.98
N ARG C 40 -23.41 29.89 27.71
CA ARG C 40 -23.75 28.89 26.69
C ARG C 40 -24.94 28.05 27.14
N LYS C 41 -24.99 27.70 28.42
CA LYS C 41 -26.11 26.92 28.93
C LYS C 41 -27.42 27.71 28.83
N ALA C 42 -27.34 29.03 29.05
CA ALA C 42 -28.54 29.85 28.95
C ALA C 42 -29.03 29.94 27.50
N CYS C 43 -28.12 29.92 26.53
CA CYS C 43 -28.48 30.12 25.10
C CYS C 43 -29.27 28.94 24.53
N ALA C 44 -29.01 27.70 24.97
CA ALA C 44 -29.61 26.52 24.37
C ALA C 44 -30.79 26.06 25.20
N ASP C 45 -31.94 25.91 24.55
CA ASP C 45 -33.15 25.49 25.25
C ASP C 45 -33.23 23.97 25.37
N ALA C 46 -32.98 23.25 24.27
CA ALA C 46 -33.14 21.81 24.21
C ALA C 46 -31.98 21.17 23.47
N THR C 47 -31.74 19.90 23.77
CA THR C 47 -30.75 19.12 23.05
C THR C 47 -31.28 18.72 21.68
N LEU C 48 -30.34 18.40 20.78
CA LEU C 48 -30.72 18.00 19.43
C LEU C 48 -31.51 16.70 19.44
N SER C 49 -31.18 15.78 20.36
CA SER C 49 -31.72 14.43 20.31
C SER C 49 -33.24 14.41 20.44
N GLN C 50 -33.78 15.30 21.29
CA GLN C 50 -35.23 15.39 21.45
C GLN C 50 -35.91 15.79 20.16
N ILE C 51 -35.40 16.84 19.50
CA ILE C 51 -36.01 17.32 18.25
C ILE C 51 -35.88 16.29 17.14
N THR C 52 -34.78 15.53 17.14
CA THR C 52 -34.52 14.61 16.04
C THR C 52 -35.52 13.45 15.99
N ASN C 53 -36.24 13.20 17.09
CA ASN C 53 -36.90 11.91 17.30
C ASN C 53 -37.93 11.59 16.23
N ASN C 54 -38.72 12.59 15.81
CA ASN C 54 -39.80 12.38 14.84
C ASN C 54 -39.33 12.69 13.41
N ILE C 55 -38.57 11.74 12.85
CA ILE C 55 -38.29 11.73 11.42
C ILE C 55 -38.24 10.27 10.95
N ASP C 56 -38.41 10.07 9.64
CA ASP C 56 -38.37 8.73 9.09
C ASP C 56 -36.98 8.12 9.26
N PRO C 57 -36.89 6.85 9.62
CA PRO C 57 -35.58 6.24 9.88
C PRO C 57 -34.75 6.10 8.60
N VAL C 58 -33.43 6.11 8.77
CA VAL C 58 -32.53 5.91 7.63
C VAL C 58 -32.67 4.49 7.10
N GLY C 59 -32.92 3.52 7.98
CA GLY C 59 -33.03 2.13 7.58
C GLY C 59 -31.69 1.47 7.37
N ARG C 60 -31.75 0.17 7.09
CA ARG C 60 -30.55 -0.60 6.81
C ARG C 60 -29.97 -0.16 5.47
N ILE C 61 -28.72 0.30 5.51
CA ILE C 61 -27.96 0.64 4.30
C ILE C 61 -26.91 -0.45 4.10
N GLN C 62 -26.82 -0.95 2.87
CA GLN C 62 -25.88 -2.00 2.50
C GLN C 62 -24.91 -1.42 1.47
N MET C 63 -23.68 -1.18 1.90
CA MET C 63 -22.62 -0.66 1.05
C MET C 63 -21.51 -1.70 0.99
N ARG C 64 -21.31 -2.26 -0.20
CA ARG C 64 -20.24 -3.21 -0.48
C ARG C 64 -19.22 -2.51 -1.36
N THR C 65 -17.94 -2.83 -1.13
CA THR C 65 -16.87 -2.19 -1.88
C THR C 65 -16.99 -2.53 -3.37
N ARG C 66 -17.20 -1.49 -4.18
CA ARG C 66 -17.27 -1.66 -5.62
C ARG C 66 -15.90 -1.72 -6.27
N ARG C 67 -14.85 -1.28 -5.59
CA ARG C 67 -13.50 -1.32 -6.11
C ARG C 67 -12.53 -1.42 -4.96
N THR C 68 -11.36 -1.98 -5.24
CA THR C 68 -10.21 -1.94 -4.35
C THR C 68 -8.99 -1.56 -5.17
N LEU C 69 -8.22 -0.62 -4.65
CA LEU C 69 -7.08 -0.04 -5.35
C LEU C 69 -5.80 -0.50 -4.67
N ARG C 70 -4.87 -1.03 -5.48
CA ARG C 70 -3.68 -1.69 -4.98
C ARG C 70 -2.47 -1.08 -5.67
N GLY C 71 -1.28 -1.48 -5.20
CA GLY C 71 -0.02 -0.91 -5.64
C GLY C 71 0.69 -0.05 -4.61
N HIS C 72 0.06 0.21 -3.46
CA HIS C 72 0.72 0.85 -2.32
C HIS C 72 1.32 -0.25 -1.46
N LEU C 73 2.64 -0.21 -1.29
CA LEU C 73 3.37 -1.29 -0.65
C LEU C 73 3.54 -1.13 0.85
N ALA C 74 3.00 -0.06 1.43
CA ALA C 74 3.16 0.20 2.85
C ALA C 74 1.91 0.92 3.34
N LYS C 75 1.96 1.36 4.60
CA LYS C 75 0.79 1.92 5.26
C LYS C 75 0.38 3.24 4.63
N ILE C 76 -0.92 3.43 4.42
CA ILE C 76 -1.49 4.63 3.83
C ILE C 76 -1.98 5.51 4.98
N TYR C 77 -1.47 6.74 5.06
CA TYR C 77 -1.86 7.65 6.13
C TYR C 77 -2.99 8.59 5.71
N ALA C 78 -3.00 9.05 4.45
CA ALA C 78 -3.93 10.09 4.03
C ALA C 78 -4.36 9.91 2.58
N MET C 79 -5.63 10.27 2.33
CA MET C 79 -6.20 10.36 0.99
C MET C 79 -7.06 11.62 0.93
N HIS C 80 -7.20 12.18 -0.28
CA HIS C 80 -8.13 13.27 -0.54
C HIS C 80 -8.88 13.04 -1.84
N TRP C 81 -10.18 13.29 -1.82
CA TRP C 81 -11.01 13.20 -3.02
C TRP C 81 -10.90 14.47 -3.85
N GLY C 82 -10.78 14.30 -5.18
CA GLY C 82 -10.82 15.44 -6.06
C GLY C 82 -12.21 16.01 -6.22
N THR C 83 -12.26 17.25 -6.70
CA THR C 83 -13.56 17.89 -6.94
C THR C 83 -14.35 17.16 -8.02
N ASP C 84 -13.66 16.68 -9.06
CA ASP C 84 -14.33 15.92 -10.11
C ASP C 84 -14.98 14.65 -9.58
N SER C 85 -14.44 14.08 -8.50
CA SER C 85 -14.79 12.77 -7.92
C SER C 85 -14.25 11.61 -8.74
N ARG C 86 -13.51 11.86 -9.81
CA ARG C 86 -12.90 10.82 -10.63
C ARG C 86 -11.43 10.60 -10.32
N LEU C 87 -10.82 11.42 -9.46
CA LEU C 87 -9.40 11.36 -9.16
C LEU C 87 -9.19 11.53 -7.67
N LEU C 88 -8.20 10.81 -7.14
CA LEU C 88 -7.76 10.95 -5.77
C LEU C 88 -6.25 10.77 -5.71
N VAL C 89 -5.67 11.22 -4.60
CA VAL C 89 -4.25 11.12 -4.31
C VAL C 89 -4.10 10.44 -2.96
N SER C 90 -3.13 9.53 -2.85
CA SER C 90 -2.92 8.74 -1.65
C SER C 90 -1.44 8.76 -1.26
N ALA C 91 -1.17 9.08 0.00
CA ALA C 91 0.18 9.17 0.54
C ALA C 91 0.42 7.99 1.48
N SER C 92 1.66 7.52 1.53
CA SER C 92 1.96 6.27 2.21
C SER C 92 3.35 6.29 2.84
N GLN C 93 3.58 5.30 3.70
CA GLN C 93 4.86 5.11 4.35
C GLN C 93 5.98 4.81 3.38
N ASP C 94 5.66 4.22 2.21
CA ASP C 94 6.70 3.80 1.28
C ASP C 94 7.51 4.98 0.74
N GLY C 95 6.94 6.18 0.77
CA GLY C 95 7.59 7.35 0.22
C GLY C 95 7.29 7.63 -1.23
N LYS C 96 6.25 7.01 -1.78
CA LYS C 96 5.77 7.28 -3.14
C LYS C 96 4.33 7.76 -3.05
N LEU C 97 4.10 9.01 -3.45
CA LEU C 97 2.76 9.60 -3.49
C LEU C 97 2.21 9.38 -4.89
N ILE C 98 1.13 8.61 -4.98
CA ILE C 98 0.57 8.15 -6.25
C ILE C 98 -0.79 8.78 -6.45
N ILE C 99 -1.06 9.22 -7.68
CA ILE C 99 -2.35 9.74 -8.10
C ILE C 99 -2.96 8.70 -9.02
N TRP C 100 -4.19 8.29 -8.69
CA TRP C 100 -4.86 7.25 -9.49
C TRP C 100 -6.29 7.66 -9.83
N ASP C 101 -6.85 7.02 -10.86
CA ASP C 101 -8.21 7.28 -11.33
C ASP C 101 -9.10 6.20 -10.72
N SER C 102 -10.23 6.63 -10.16
CA SER C 102 -11.06 5.72 -9.37
C SER C 102 -11.75 4.68 -10.23
N TYR C 103 -12.56 5.12 -11.20
CA TYR C 103 -13.52 4.23 -11.87
C TYR C 103 -12.82 3.11 -12.60
N THR C 104 -11.87 3.46 -13.47
CA THR C 104 -11.10 2.43 -14.18
C THR C 104 -10.09 1.75 -13.27
N THR C 105 -9.75 2.36 -12.12
CA THR C 105 -8.70 1.95 -11.20
C THR C 105 -7.31 2.22 -11.78
N ASN C 106 -7.19 2.90 -12.91
CA ASN C 106 -5.89 3.17 -13.51
C ASN C 106 -5.13 4.19 -12.66
N LYS C 107 -3.81 4.19 -12.82
CA LYS C 107 -2.90 4.98 -11.99
C LYS C 107 -2.26 6.09 -12.81
N VAL C 108 -2.55 7.35 -12.44
CA VAL C 108 -2.15 8.52 -13.26
C VAL C 108 -0.72 9.02 -12.98
N HIS C 109 -0.22 8.99 -11.74
CA HIS C 109 1.10 9.54 -11.46
C HIS C 109 1.72 8.81 -10.29
N ALA C 110 3.04 8.85 -10.24
CA ALA C 110 3.83 8.42 -9.09
C ALA C 110 4.89 9.47 -8.81
N ILE C 111 4.82 10.07 -7.63
CA ILE C 111 5.62 11.22 -7.25
C ILE C 111 6.72 10.74 -6.31
N PRO C 112 8.01 10.90 -6.64
CA PRO C 112 9.03 10.59 -5.64
C PRO C 112 9.16 11.69 -4.60
N LEU C 113 9.29 11.28 -3.34
CA LEU C 113 9.27 12.18 -2.19
C LEU C 113 10.64 12.20 -1.52
N ARG C 114 11.10 13.41 -1.18
CA ARG C 114 12.37 13.55 -0.46
C ARG C 114 12.30 12.90 0.92
N SER C 115 11.16 13.14 1.58
CA SER C 115 10.88 12.58 2.92
C SER C 115 10.03 11.33 2.74
N SER C 116 10.39 10.24 3.38
CA SER C 116 9.50 9.08 3.37
C SER C 116 8.29 9.29 4.28
N TRP C 117 8.42 10.13 5.30
CA TRP C 117 7.42 10.23 6.36
C TRP C 117 6.38 11.27 5.97
N VAL C 118 5.11 10.86 5.94
CA VAL C 118 4.00 11.70 5.50
C VAL C 118 2.81 11.46 6.41
N MET C 119 2.03 12.51 6.65
CA MET C 119 0.74 12.41 7.32
C MET C 119 -0.40 13.11 6.58
N THR C 120 -0.11 13.87 5.52
CA THR C 120 -1.09 14.71 4.86
C THR C 120 -0.98 14.57 3.35
N CYS C 121 -2.12 14.63 2.68
CA CYS C 121 -2.18 14.90 1.25
C CYS C 121 -3.44 15.69 0.98
N ALA C 122 -3.36 16.60 0.01
CA ALA C 122 -4.47 17.48 -0.33
C ALA C 122 -4.56 17.61 -1.84
N TYR C 123 -5.78 17.74 -2.34
CA TYR C 123 -6.06 17.86 -3.77
C TYR C 123 -6.66 19.24 -3.99
N ALA C 124 -6.10 20.00 -4.92
CA ALA C 124 -6.53 21.37 -5.12
C ALA C 124 -7.96 21.39 -5.67
N PRO C 125 -8.72 22.47 -5.43
CA PRO C 125 -10.09 22.50 -5.99
C PRO C 125 -10.11 22.49 -7.51
N SER C 126 -9.15 23.17 -8.14
CA SER C 126 -9.08 23.15 -9.60
C SER C 126 -8.49 21.85 -10.11
N GLY C 127 -7.60 21.22 -9.32
CA GLY C 127 -7.00 19.95 -9.64
C GLY C 127 -5.61 19.99 -10.24
N ASN C 128 -5.03 21.17 -10.41
CA ASN C 128 -3.66 21.26 -10.94
C ASN C 128 -2.61 20.99 -9.86
N TYR C 129 -2.95 21.23 -8.59
CA TYR C 129 -2.00 21.25 -7.49
C TYR C 129 -2.32 20.19 -6.45
N VAL C 130 -1.27 19.54 -5.93
CA VAL C 130 -1.35 18.58 -4.84
C VAL C 130 -0.25 18.91 -3.84
N ALA C 131 -0.59 18.86 -2.54
CA ALA C 131 0.33 19.21 -1.46
C ALA C 131 0.66 17.97 -0.63
N CYS C 132 1.90 17.89 -0.16
CA CYS C 132 2.38 16.79 0.66
C CYS C 132 3.13 17.33 1.88
N GLY C 133 2.72 16.89 3.06
CA GLY C 133 3.31 17.32 4.33
C GLY C 133 3.73 16.13 5.16
N GLY C 134 4.83 16.31 5.91
CA GLY C 134 5.45 15.20 6.60
C GLY C 134 6.17 15.64 7.86
N LEU C 135 6.88 14.68 8.45
CA LEU C 135 7.69 14.92 9.64
C LEU C 135 8.89 15.84 9.40
N ASP C 136 9.24 16.11 8.14
CA ASP C 136 10.35 17.03 7.85
C ASP C 136 10.04 18.48 8.23
N ASN C 137 8.79 18.80 8.56
CA ASN C 137 8.30 20.14 8.94
C ASN C 137 8.18 21.04 7.72
N ILE C 138 7.90 20.48 6.54
CA ILE C 138 7.71 21.25 5.31
C ILE C 138 6.49 20.66 4.61
N CYS C 139 5.74 21.57 3.96
CA CYS C 139 4.60 21.17 3.11
C CYS C 139 5.07 21.37 1.65
N SER C 140 5.13 20.30 0.86
CA SER C 140 5.63 20.32 -0.50
C SER C 140 4.45 20.35 -1.45
N ILE C 141 4.39 21.38 -2.30
CA ILE C 141 3.27 21.64 -3.19
C ILE C 141 3.70 21.27 -4.60
N TYR C 142 2.92 20.42 -5.25
CA TYR C 142 3.29 19.79 -6.51
C TYR C 142 2.39 20.28 -7.64
N ASN C 143 3.00 20.84 -8.68
CA ASN C 143 2.29 21.22 -9.89
C ASN C 143 2.30 20.00 -10.82
N LEU C 144 1.12 19.47 -11.12
CA LEU C 144 1.05 18.25 -11.90
C LEU C 144 1.43 18.48 -13.36
N LYS C 145 1.14 19.68 -13.89
CA LYS C 145 1.34 19.98 -15.30
C LYS C 145 2.64 20.75 -15.49
N THR C 146 3.56 20.18 -16.25
CA THR C 146 4.79 20.85 -16.63
C THR C 146 5.30 20.28 -17.95
N ARG C 147 6.19 21.07 -18.56
CA ARG C 147 6.91 20.62 -19.75
C ARG C 147 7.72 19.41 -19.28
N GLU C 148 7.90 18.42 -20.13
CA GLU C 148 8.48 17.11 -19.79
C GLU C 148 7.50 16.21 -19.06
N GLY C 149 6.27 16.66 -18.79
CA GLY C 149 5.20 15.78 -18.34
C GLY C 149 5.45 15.03 -17.05
N ASN C 150 6.20 15.64 -16.14
CA ASN C 150 6.50 15.06 -14.83
C ASN C 150 5.79 15.87 -13.76
N VAL C 151 5.62 15.27 -12.58
CA VAL C 151 5.24 16.05 -11.42
C VAL C 151 6.49 16.70 -10.85
N ARG C 152 6.41 18.02 -10.64
CA ARG C 152 7.49 18.79 -10.03
C ARG C 152 6.92 19.58 -8.86
N VAL C 153 7.76 19.83 -7.88
CA VAL C 153 7.40 20.66 -6.73
C VAL C 153 7.61 22.11 -7.14
N SER C 154 6.51 22.86 -7.23
CA SER C 154 6.63 24.29 -7.50
C SER C 154 7.24 25.02 -6.32
N ARG C 155 6.87 24.61 -5.11
CA ARG C 155 7.34 25.26 -3.89
C ARG C 155 7.39 24.26 -2.74
N GLU C 156 8.44 24.38 -1.93
CA GLU C 156 8.54 23.73 -0.62
C GLU C 156 8.41 24.81 0.43
N LEU C 157 7.43 24.67 1.32
CA LEU C 157 7.05 25.71 2.25
C LEU C 157 7.63 25.42 3.63
N ALA C 158 8.47 26.34 4.12
CA ALA C 158 9.18 26.19 5.37
C ALA C 158 8.85 27.35 6.28
N GLY C 159 8.95 27.11 7.59
CA GLY C 159 8.51 28.03 8.62
C GLY C 159 7.74 27.38 9.75
N HIS C 160 7.52 26.07 9.71
CA HIS C 160 6.89 25.32 10.79
C HIS C 160 7.98 24.62 11.59
N THR C 161 7.89 24.73 12.91
CA THR C 161 8.92 24.12 13.76
C THR C 161 8.76 22.60 13.84
N GLY C 162 7.55 22.09 13.54
CA GLY C 162 7.27 20.68 13.66
C GLY C 162 6.50 20.15 12.46
N TYR C 163 6.06 18.91 12.59
CA TYR C 163 5.36 18.22 11.50
C TYR C 163 4.06 18.91 11.16
N LEU C 164 3.67 18.82 9.87
CA LEU C 164 2.38 19.38 9.42
C LEU C 164 1.37 18.23 9.43
N SER C 165 0.27 18.36 10.19
CA SER C 165 -0.70 17.29 10.38
C SER C 165 -1.84 17.36 9.36
N CYS C 166 -2.11 18.55 8.81
CA CYS C 166 -3.10 18.68 7.74
C CYS C 166 -2.74 19.84 6.84
N CYS C 167 -3.09 19.71 5.55
CA CYS C 167 -2.99 20.79 4.57
C CYS C 167 -4.27 20.79 3.75
N ARG C 168 -4.76 21.99 3.41
CA ARG C 168 -5.94 22.16 2.57
C ARG C 168 -5.78 23.40 1.73
N PHE C 169 -6.19 23.33 0.46
CA PHE C 169 -6.12 24.46 -0.46
C PHE C 169 -7.39 25.28 -0.38
N LEU C 170 -7.28 26.53 0.08
CA LEU C 170 -8.36 27.48 -0.16
C LEU C 170 -8.49 27.80 -1.63
N ASP C 171 -7.36 27.93 -2.33
CA ASP C 171 -7.34 28.39 -3.71
C ASP C 171 -6.08 27.83 -4.38
N ASP C 172 -5.89 28.18 -5.66
CA ASP C 172 -4.71 27.66 -6.41
C ASP C 172 -3.44 28.29 -5.85
N ASN C 173 -3.52 29.52 -5.36
CA ASN C 173 -2.35 30.22 -4.81
C ASN C 173 -2.32 30.25 -3.29
N GLN C 174 -3.42 29.91 -2.61
CA GLN C 174 -3.54 30.01 -1.16
C GLN C 174 -3.76 28.64 -0.56
N ILE C 175 -2.99 28.32 0.47
CA ILE C 175 -3.07 27.05 1.20
C ILE C 175 -2.97 27.35 2.69
N VAL C 176 -3.80 26.68 3.49
CA VAL C 176 -3.71 26.72 4.95
C VAL C 176 -3.15 25.39 5.42
N THR C 177 -2.20 25.45 6.36
CA THR C 177 -1.51 24.29 6.90
C THR C 177 -1.77 24.19 8.40
N SER C 178 -1.83 22.96 8.89
CA SER C 178 -1.91 22.65 10.32
C SER C 178 -0.68 21.85 10.71
N SER C 179 -0.20 22.05 11.93
CA SER C 179 1.04 21.44 12.37
C SER C 179 1.08 21.24 13.88
N GLY C 180 2.10 20.48 14.30
CA GLY C 180 2.31 20.18 15.70
C GLY C 180 2.97 21.28 16.50
N ASP C 181 3.17 22.46 15.88
CA ASP C 181 3.73 23.60 16.61
C ASP C 181 2.69 24.28 17.50
N THR C 182 1.44 23.82 17.50
CA THR C 182 0.28 24.53 18.02
C THR C 182 -0.04 25.76 17.17
N THR C 183 0.40 25.78 15.91
CA THR C 183 0.18 26.88 14.98
C THR C 183 -0.46 26.34 13.70
N CYS C 184 -1.31 27.15 13.09
CA CYS C 184 -1.79 26.94 11.73
C CYS C 184 -1.40 28.17 10.92
N ALA C 185 -0.99 27.95 9.67
CA ALA C 185 -0.38 28.99 8.83
C ALA C 185 -1.02 28.99 7.46
N LEU C 186 -1.29 30.19 6.93
CA LEU C 186 -1.74 30.39 5.57
C LEU C 186 -0.58 30.96 4.77
N TRP C 187 -0.31 30.37 3.61
CA TRP C 187 0.82 30.71 2.76
C TRP C 187 0.33 31.30 1.45
N ASP C 188 1.12 32.21 0.90
CA ASP C 188 1.02 32.62 -0.49
C ASP C 188 2.09 31.83 -1.24
N ILE C 189 1.66 30.95 -2.15
CA ILE C 189 2.58 30.00 -2.75
C ILE C 189 3.58 30.72 -3.66
N GLU C 190 3.15 31.75 -4.37
CA GLU C 190 4.09 32.52 -5.20
C GLU C 190 5.10 33.26 -4.34
N THR C 191 4.63 33.93 -3.28
CA THR C 191 5.55 34.64 -2.39
C THR C 191 6.41 33.66 -1.60
N GLY C 192 5.78 32.62 -1.04
CA GLY C 192 6.49 31.55 -0.38
C GLY C 192 6.73 31.71 1.11
N GLN C 193 5.99 32.61 1.77
CA GLN C 193 6.06 32.76 3.21
C GLN C 193 4.68 33.01 3.76
N GLN C 194 4.53 32.82 5.07
CA GLN C 194 3.23 32.96 5.72
C GLN C 194 2.71 34.38 5.59
N THR C 195 1.50 34.52 5.04
CA THR C 195 0.79 35.78 5.05
C THR C 195 -0.01 35.98 6.33
N THR C 196 -0.37 34.90 7.02
CA THR C 196 -1.04 34.97 8.30
C THR C 196 -0.62 33.77 9.12
N THR C 197 -0.68 33.91 10.44
CA THR C 197 -0.35 32.85 11.38
C THR C 197 -1.47 32.75 12.41
N PHE C 198 -2.01 31.56 12.56
CA PHE C 198 -3.03 31.25 13.56
C PHE C 198 -2.35 30.48 14.68
N THR C 199 -2.20 31.13 15.85
CA THR C 199 -1.37 30.61 16.95
C THR C 199 -2.13 30.74 18.27
N GLY C 200 -3.39 30.30 18.27
CA GLY C 200 -4.21 30.26 19.47
C GLY C 200 -4.18 28.93 20.20
N HIS C 201 -3.61 27.90 19.60
CA HIS C 201 -3.68 26.56 20.16
C HIS C 201 -2.61 26.36 21.22
N THR C 202 -2.92 25.51 22.21
CA THR C 202 -1.98 25.09 23.25
C THR C 202 -1.47 23.67 23.04
N GLY C 203 -1.76 23.03 21.91
CA GLY C 203 -1.34 21.66 21.67
C GLY C 203 -1.24 21.38 20.19
N ASP C 204 -0.70 20.21 19.87
CA ASP C 204 -0.47 19.85 18.48
C ASP C 204 -1.79 19.71 17.73
N VAL C 205 -1.89 20.41 16.60
CA VAL C 205 -3.14 20.52 15.85
C VAL C 205 -3.15 19.39 14.83
N MET C 206 -4.01 18.39 15.06
CA MET C 206 -3.98 17.18 14.24
C MET C 206 -4.69 17.37 12.90
N SER C 207 -5.81 18.09 12.88
CA SER C 207 -6.73 18.09 11.75
C SER C 207 -7.24 19.49 11.46
N LEU C 208 -7.62 19.71 10.21
CA LEU C 208 -8.12 21.00 9.73
C LEU C 208 -9.18 20.75 8.66
N SER C 209 -10.29 21.48 8.72
CA SER C 209 -11.37 21.39 7.74
C SER C 209 -11.72 22.77 7.23
N LEU C 210 -11.96 22.87 5.91
CA LEU C 210 -12.27 24.12 5.23
C LEU C 210 -13.76 24.20 4.99
N ALA C 211 -14.35 25.36 5.24
CA ALA C 211 -15.77 25.53 5.08
C ALA C 211 -16.16 25.60 3.60
N PRO C 212 -17.44 25.40 3.28
CA PRO C 212 -17.88 25.59 1.89
C PRO C 212 -17.63 26.99 1.35
N ASP C 213 -17.79 28.01 2.19
CA ASP C 213 -17.60 29.39 1.72
C ASP C 213 -16.12 29.78 1.67
N THR C 214 -15.23 28.99 2.29
CA THR C 214 -13.75 29.13 2.28
C THR C 214 -13.27 30.27 3.17
N ARG C 215 -14.16 31.16 3.64
CA ARG C 215 -13.74 32.31 4.44
C ARG C 215 -13.48 31.97 5.91
N LEU C 216 -14.04 30.86 6.41
CA LEU C 216 -13.80 30.40 7.77
C LEU C 216 -13.39 28.93 7.72
N PHE C 217 -12.55 28.52 8.67
CA PHE C 217 -12.11 27.14 8.79
C PHE C 217 -11.93 26.79 10.26
N VAL C 218 -11.91 25.49 10.54
CA VAL C 218 -11.78 24.94 11.89
C VAL C 218 -10.54 24.06 11.94
N SER C 219 -10.05 23.87 13.18
CA SER C 219 -8.85 23.02 13.40
C SER C 219 -8.96 22.36 14.79
N GLY C 220 -8.49 21.11 14.93
CA GLY C 220 -8.57 20.37 16.17
C GLY C 220 -7.19 19.90 16.59
N ALA C 221 -7.04 19.69 17.89
CA ALA C 221 -5.72 19.48 18.48
C ALA C 221 -5.75 18.53 19.67
N CYS C 222 -4.55 18.16 20.11
CA CYS C 222 -4.35 17.36 21.31
C CYS C 222 -4.75 18.08 22.60
N ASP C 223 -5.06 19.38 22.50
CA ASP C 223 -5.57 20.13 23.69
C ASP C 223 -7.04 19.74 23.92
N ALA C 224 -7.64 19.00 22.99
CA ALA C 224 -9.03 18.57 23.05
C ALA C 224 -10.01 19.73 22.93
N SER C 225 -9.64 20.73 22.14
CA SER C 225 -10.48 21.87 21.82
C SER C 225 -10.45 22.10 20.32
N ALA C 226 -11.62 22.32 19.74
CA ALA C 226 -11.77 22.67 18.33
C ALA C 226 -12.15 24.14 18.25
N LYS C 227 -11.45 24.90 17.41
CA LYS C 227 -11.60 26.35 17.35
C LYS C 227 -11.96 26.77 15.93
N LEU C 228 -12.81 27.80 15.85
CA LEU C 228 -13.28 28.36 14.60
C LEU C 228 -12.39 29.54 14.22
N TRP C 229 -11.76 29.44 13.06
CA TRP C 229 -10.76 30.40 12.59
C TRP C 229 -11.30 31.14 11.38
N ASP C 230 -11.24 32.46 11.42
CA ASP C 230 -11.56 33.30 10.26
C ASP C 230 -10.31 33.45 9.43
N VAL C 231 -10.39 33.12 8.15
CA VAL C 231 -9.22 33.15 7.28
C VAL C 231 -8.71 34.58 7.12
N ARG C 232 -9.62 35.52 6.89
CA ARG C 232 -9.20 36.88 6.54
C ARG C 232 -8.62 37.61 7.75
N GLU C 233 -9.29 37.50 8.91
CA GLU C 233 -8.85 38.25 10.08
C GLU C 233 -7.50 37.78 10.59
N GLY C 234 -7.29 36.46 10.65
CA GLY C 234 -6.16 35.91 11.35
C GLY C 234 -6.39 35.68 12.83
N MET C 235 -7.64 35.49 13.25
CA MET C 235 -8.02 35.36 14.64
C MET C 235 -8.98 34.19 14.80
N CYS C 236 -9.07 33.69 16.04
CA CYS C 236 -10.01 32.65 16.41
C CYS C 236 -11.33 33.30 16.83
N ARG C 237 -12.41 32.99 16.11
CA ARG C 237 -13.71 33.58 16.44
C ARG C 237 -14.36 32.84 17.61
N GLN C 238 -14.29 31.51 17.61
CA GLN C 238 -14.92 30.69 18.64
C GLN C 238 -14.03 29.50 18.98
N THR C 239 -14.21 28.99 20.19
CA THR C 239 -13.57 27.76 20.67
C THR C 239 -14.62 26.84 21.27
N PHE C 240 -14.58 25.57 20.85
CA PHE C 240 -15.57 24.56 21.31
C PHE C 240 -14.84 23.34 21.88
N THR C 241 -15.17 22.93 23.10
CA THR C 241 -14.61 21.74 23.73
C THR C 241 -15.74 20.87 24.27
N GLY C 242 -15.78 19.62 23.83
CA GLY C 242 -16.65 18.61 24.41
C GLY C 242 -16.02 17.24 24.46
N HIS C 243 -14.71 17.16 24.25
CA HIS C 243 -13.99 15.93 23.97
C HIS C 243 -13.08 15.58 25.13
N GLU C 244 -13.06 14.30 25.51
CA GLU C 244 -12.17 13.85 26.58
C GLU C 244 -10.73 13.77 26.10
N SER C 245 -10.52 13.41 24.83
CA SER C 245 -9.20 13.08 24.29
C SER C 245 -8.90 13.94 23.08
N ASP C 246 -7.72 13.70 22.50
CA ASP C 246 -7.29 14.42 21.31
C ASP C 246 -8.23 14.16 20.15
N ILE C 247 -8.38 15.16 19.28
CA ILE C 247 -9.22 15.10 18.10
C ILE C 247 -8.31 14.77 16.92
N ASN C 248 -8.48 13.59 16.33
CA ASN C 248 -7.65 13.19 15.20
C ASN C 248 -8.20 13.71 13.87
N ALA C 249 -9.51 13.92 13.76
CA ALA C 249 -10.17 14.25 12.50
C ALA C 249 -11.29 15.24 12.72
N ILE C 250 -11.59 16.03 11.69
CA ILE C 250 -12.61 17.07 11.74
C ILE C 250 -13.19 17.22 10.34
N CYS C 251 -14.51 17.42 10.25
CA CYS C 251 -15.20 17.64 8.97
C CYS C 251 -16.35 18.63 9.14
N PHE C 252 -16.42 19.57 8.20
CA PHE C 252 -17.52 20.57 8.21
C PHE C 252 -18.79 19.96 7.66
N PHE C 253 -19.94 20.39 8.17
CA PHE C 253 -21.23 19.93 7.69
C PHE C 253 -21.45 20.50 6.28
N PRO C 254 -22.24 19.82 5.42
CA PRO C 254 -22.40 20.35 4.05
C PRO C 254 -23.00 21.76 3.98
N ASN C 255 -23.91 22.09 4.87
CA ASN C 255 -24.43 23.46 4.95
C ASN C 255 -23.31 24.45 5.24
N GLY C 256 -22.35 24.06 6.09
CA GLY C 256 -21.30 24.94 6.55
C GLY C 256 -21.54 25.60 7.89
N ASN C 257 -22.66 25.28 8.56
CA ASN C 257 -22.98 25.85 9.87
C ASN C 257 -22.63 24.92 11.03
N ALA C 258 -22.18 23.69 10.77
CA ALA C 258 -21.88 22.73 11.82
C ALA C 258 -20.68 21.90 11.37
N PHE C 259 -20.12 21.13 12.30
CA PHE C 259 -19.02 20.24 11.98
C PHE C 259 -18.95 19.11 13.00
N ALA C 260 -18.27 18.03 12.61
CA ALA C 260 -18.08 16.84 13.44
C ALA C 260 -16.59 16.57 13.58
N THR C 261 -16.22 15.97 14.71
CA THR C 261 -14.83 15.72 15.07
C THR C 261 -14.64 14.25 15.41
N GLY C 262 -13.41 13.77 15.18
CA GLY C 262 -13.03 12.39 15.46
C GLY C 262 -11.87 12.36 16.45
N SER C 263 -12.02 11.54 17.49
CA SER C 263 -11.14 11.54 18.64
C SER C 263 -10.75 10.12 19.04
N ASP C 264 -9.73 10.04 19.90
CA ASP C 264 -9.36 8.77 20.52
C ASP C 264 -10.31 8.34 21.62
N ASP C 265 -11.28 9.19 21.95
CA ASP C 265 -12.30 8.89 22.97
C ASP C 265 -13.33 7.88 22.46
N ALA C 266 -13.23 7.44 21.22
CA ALA C 266 -14.24 6.55 20.58
C ALA C 266 -15.58 7.30 20.59
N THR C 267 -15.57 8.61 20.38
CA THR C 267 -16.79 9.46 20.31
C THR C 267 -16.66 10.46 19.18
N CYS C 268 -17.75 10.72 18.48
CA CYS C 268 -17.80 11.73 17.43
C CYS C 268 -18.89 12.73 17.80
N ARG C 269 -18.44 13.97 18.03
CA ARG C 269 -19.38 15.00 18.52
C ARG C 269 -19.66 16.06 17.46
N LEU C 270 -20.92 16.46 17.36
CA LEU C 270 -21.38 17.46 16.41
C LEU C 270 -21.61 18.79 17.15
N PHE C 271 -20.90 19.83 16.70
CA PHE C 271 -21.04 21.19 17.21
C PHE C 271 -21.59 22.07 16.10
N ASP C 272 -22.30 23.13 16.50
CA ASP C 272 -22.93 24.06 15.57
C ASP C 272 -22.28 25.42 15.75
N LEU C 273 -21.99 26.09 14.63
CA LEU C 273 -21.32 27.39 14.71
C LEU C 273 -22.24 28.46 15.29
N ARG C 274 -23.46 28.57 14.77
CA ARG C 274 -24.35 29.65 15.22
C ARG C 274 -24.73 29.47 16.68
N ALA C 275 -25.04 28.24 17.09
CA ALA C 275 -25.47 27.94 18.48
C ALA C 275 -24.27 28.00 19.42
N ASP C 276 -23.08 27.59 18.95
CA ASP C 276 -21.84 27.55 19.79
C ASP C 276 -22.07 26.56 20.93
N GLN C 277 -22.48 25.32 20.61
CA GLN C 277 -22.77 24.27 21.62
C GLN C 277 -22.72 22.90 20.93
N GLU C 278 -22.42 21.81 21.66
CA GLU C 278 -22.43 20.47 21.09
C GLU C 278 -23.87 20.06 20.88
N LEU C 279 -24.23 19.75 19.63
CA LEU C 279 -25.58 19.29 19.34
C LEU C 279 -25.79 17.84 19.76
N MET C 280 -24.87 16.95 19.39
CA MET C 280 -25.02 15.53 19.70
C MET C 280 -23.66 14.84 19.64
N THR C 281 -23.60 13.67 20.28
CA THR C 281 -22.41 12.84 20.35
C THR C 281 -22.76 11.43 19.88
N TYR C 282 -21.86 10.84 19.09
CA TYR C 282 -22.00 9.50 18.54
C TYR C 282 -21.08 8.53 19.25
N SER C 283 -21.66 7.65 20.07
CA SER C 283 -20.89 6.68 20.85
C SER C 283 -21.68 5.39 20.99
N HIS C 284 -20.96 4.29 21.18
CA HIS C 284 -21.56 2.96 21.32
C HIS C 284 -20.70 2.11 22.24
N ASP C 285 -21.34 1.13 22.90
CA ASP C 285 -20.63 0.24 23.81
C ASP C 285 -19.71 -0.70 23.06
N ASN C 286 -20.10 -1.11 21.85
CA ASN C 286 -19.33 -2.12 21.11
C ASN C 286 -17.94 -1.63 20.75
N ILE C 287 -17.77 -0.31 20.59
CA ILE C 287 -16.54 0.28 20.06
C ILE C 287 -15.92 1.17 21.12
N ILE C 288 -14.74 0.76 21.59
CA ILE C 288 -13.90 1.58 22.46
C ILE C 288 -12.72 2.22 21.72
N CYS C 289 -12.53 1.89 20.45
CA CYS C 289 -11.33 2.31 19.73
C CYS C 289 -11.48 3.73 19.21
N GLY C 290 -10.33 4.38 19.00
CA GLY C 290 -10.33 5.78 18.60
C GLY C 290 -10.81 5.97 17.17
N ILE C 291 -11.45 7.11 16.92
CA ILE C 291 -11.77 7.51 15.56
C ILE C 291 -10.49 8.01 14.90
N THR C 292 -10.36 7.74 13.59
CA THR C 292 -9.17 8.23 12.86
C THR C 292 -9.60 9.12 11.71
N SER C 293 -10.89 9.12 11.36
CA SER C 293 -11.35 9.91 10.22
C SER C 293 -12.83 10.15 10.37
N VAL C 294 -13.33 11.19 9.69
CA VAL C 294 -14.76 11.49 9.64
C VAL C 294 -15.06 12.16 8.31
N SER C 295 -16.28 11.93 7.82
CA SER C 295 -16.79 12.67 6.66
C SER C 295 -18.31 12.59 6.64
N PHE C 296 -18.91 13.49 5.87
CA PHE C 296 -20.36 13.64 5.77
C PHE C 296 -20.81 13.28 4.36
N SER C 297 -21.97 12.64 4.27
CA SER C 297 -22.67 12.57 3.00
C SER C 297 -23.24 13.95 2.67
N LYS C 298 -23.62 14.14 1.40
CA LYS C 298 -24.09 15.45 0.96
C LYS C 298 -25.34 15.88 1.70
N SER C 299 -26.20 14.93 2.06
CA SER C 299 -27.33 15.23 2.92
C SER C 299 -26.85 15.76 4.26
N GLY C 300 -25.78 15.17 4.80
CA GLY C 300 -25.42 15.32 6.19
C GLY C 300 -26.15 14.36 7.11
N ARG C 301 -27.08 13.56 6.58
CA ARG C 301 -27.73 12.53 7.37
C ARG C 301 -26.73 11.48 7.84
N LEU C 302 -25.73 11.19 7.02
CA LEU C 302 -24.78 10.11 7.26
C LEU C 302 -23.41 10.69 7.54
N LEU C 303 -22.92 10.51 8.76
CA LEU C 303 -21.56 10.85 9.14
C LEU C 303 -20.75 9.55 9.11
N LEU C 304 -19.98 9.37 8.05
CA LEU C 304 -19.11 8.21 7.97
C LEU C 304 -17.91 8.43 8.89
N ALA C 305 -17.51 7.39 9.60
CA ALA C 305 -16.41 7.45 10.55
C ALA C 305 -15.54 6.21 10.40
N GLY C 306 -14.23 6.41 10.55
CA GLY C 306 -13.25 5.34 10.50
C GLY C 306 -12.57 5.15 11.84
N TYR C 307 -12.46 3.90 12.29
CA TYR C 307 -12.07 3.57 13.65
C TYR C 307 -10.78 2.76 13.68
N ASP C 308 -10.16 2.73 14.86
CA ASP C 308 -8.97 1.90 15.06
C ASP C 308 -9.32 0.42 15.11
N ASP C 309 -10.60 0.07 15.25
CA ASP C 309 -11.05 -1.32 15.25
C ASP C 309 -11.06 -1.97 13.87
N PHE C 310 -10.51 -1.33 12.83
CA PHE C 310 -10.49 -1.81 11.44
C PHE C 310 -11.87 -1.82 10.79
N ASN C 311 -12.88 -1.20 11.41
CA ASN C 311 -14.23 -1.14 10.88
C ASN C 311 -14.66 0.32 10.75
N CYS C 312 -15.48 0.59 9.74
CA CYS C 312 -16.03 1.90 9.47
C CYS C 312 -17.53 1.84 9.62
N ASN C 313 -18.09 2.74 10.42
CA ASN C 313 -19.49 2.73 10.80
C ASN C 313 -20.20 3.93 10.19
N VAL C 314 -21.44 3.72 9.75
CA VAL C 314 -22.29 4.78 9.21
C VAL C 314 -23.40 5.06 10.21
N TRP C 315 -23.52 6.32 10.63
CA TRP C 315 -24.43 6.73 11.68
C TRP C 315 -25.53 7.60 11.11
N ASP C 316 -26.77 7.32 11.49
CA ASP C 316 -27.82 8.32 11.32
C ASP C 316 -27.44 9.53 12.15
N ALA C 317 -27.17 10.65 11.48
CA ALA C 317 -26.65 11.82 12.15
C ALA C 317 -27.67 12.40 13.12
N LEU C 318 -28.95 12.34 12.76
CA LEU C 318 -29.98 12.96 13.59
C LEU C 318 -30.18 12.19 14.89
N LYS C 319 -30.27 10.86 14.81
CA LYS C 319 -30.62 10.01 15.94
C LYS C 319 -29.43 9.37 16.63
N ALA C 320 -28.23 9.41 16.04
CA ALA C 320 -27.02 8.78 16.60
C ALA C 320 -27.20 7.27 16.76
N ASP C 321 -27.88 6.65 15.80
CA ASP C 321 -28.07 5.20 15.75
C ASP C 321 -27.25 4.64 14.60
N ARG C 322 -26.43 3.61 14.85
CA ARG C 322 -25.53 3.04 13.83
C ARG C 322 -26.35 2.26 12.80
N ALA C 323 -26.52 2.79 11.59
CA ALA C 323 -27.29 2.17 10.53
C ALA C 323 -26.63 0.87 10.07
N GLY C 324 -25.31 0.90 9.87
CA GLY C 324 -24.59 -0.27 9.41
C GLY C 324 -23.11 -0.08 9.61
N VAL C 325 -22.36 -1.16 9.34
CA VAL C 325 -20.91 -1.18 9.47
C VAL C 325 -20.33 -1.64 8.14
N LEU C 326 -19.33 -0.90 7.65
CA LEU C 326 -18.57 -1.27 6.46
C LEU C 326 -17.23 -1.83 6.91
N ALA C 327 -17.07 -3.15 6.81
CA ALA C 327 -15.91 -3.86 7.35
C ALA C 327 -15.29 -4.72 6.25
N GLY C 328 -14.37 -4.10 5.48
CA GLY C 328 -13.54 -4.77 4.51
C GLY C 328 -12.05 -4.59 4.73
N HIS C 329 -11.64 -3.96 5.84
CA HIS C 329 -10.26 -3.58 6.09
C HIS C 329 -9.69 -4.44 7.22
N ASP C 330 -8.51 -5.03 7.01
CA ASP C 330 -7.91 -5.91 8.05
C ASP C 330 -7.11 -5.06 9.04
N ASN C 331 -6.62 -3.90 8.61
CA ASN C 331 -5.86 -2.99 9.48
C ASN C 331 -6.58 -1.64 9.52
N ARG C 332 -6.11 -0.79 10.43
CA ARG C 332 -6.87 0.41 10.80
C ARG C 332 -7.03 1.37 9.62
N VAL C 333 -8.17 2.06 9.60
CA VAL C 333 -8.47 3.03 8.56
C VAL C 333 -7.95 4.40 9.01
N SER C 334 -7.00 4.94 8.26
CA SER C 334 -6.44 6.24 8.59
C SER C 334 -7.33 7.37 8.10
N CYS C 335 -7.88 7.23 6.91
CA CYS C 335 -8.49 8.32 6.16
C CYS C 335 -9.78 7.85 5.51
N LEU C 336 -10.78 8.72 5.48
CA LEU C 336 -12.07 8.43 4.86
C LEU C 336 -12.59 9.71 4.21
N GLY C 337 -13.08 9.60 2.99
CA GLY C 337 -13.63 10.74 2.27
C GLY C 337 -14.82 10.39 1.39
N VAL C 338 -15.82 11.27 1.39
CA VAL C 338 -17.00 11.17 0.53
C VAL C 338 -16.78 12.09 -0.66
N THR C 339 -17.16 11.63 -1.85
CA THR C 339 -16.95 12.40 -3.06
C THR C 339 -17.76 13.71 -3.02
N ASP C 340 -17.33 14.65 -3.85
CA ASP C 340 -18.06 15.92 -3.97
C ASP C 340 -19.39 15.72 -4.67
N ASP C 341 -19.45 14.78 -5.62
CA ASP C 341 -20.73 14.43 -6.24
C ASP C 341 -21.63 13.67 -5.28
N GLY C 342 -21.03 12.94 -4.32
CA GLY C 342 -21.75 12.20 -3.32
C GLY C 342 -21.88 10.71 -3.58
N MET C 343 -21.27 10.20 -4.63
CA MET C 343 -21.51 8.80 -5.01
C MET C 343 -20.92 7.83 -4.00
N ALA C 344 -19.66 8.03 -3.62
CA ALA C 344 -18.85 6.96 -3.05
C ALA C 344 -18.07 7.43 -1.83
N VAL C 345 -17.69 6.44 -1.02
CA VAL C 345 -16.82 6.61 0.14
C VAL C 345 -15.55 5.82 -0.10
N ALA C 346 -14.41 6.50 -0.05
CA ALA C 346 -13.10 5.89 -0.23
C ALA C 346 -12.40 5.81 1.12
N THR C 347 -12.01 4.61 1.51
CA THR C 347 -11.37 4.35 2.79
C THR C 347 -9.96 3.83 2.54
N GLY C 348 -8.97 4.56 3.06
CA GLY C 348 -7.58 4.15 3.01
C GLY C 348 -7.09 3.73 4.38
N SER C 349 -6.32 2.65 4.44
CA SER C 349 -5.97 2.00 5.69
C SER C 349 -4.50 1.61 5.68
N TRP C 350 -4.04 1.16 6.86
CA TRP C 350 -2.71 0.58 7.01
C TRP C 350 -2.58 -0.78 6.35
N ASP C 351 -3.70 -1.37 5.88
CA ASP C 351 -3.69 -2.63 5.14
C ASP C 351 -3.04 -2.51 3.76
N SER C 352 -2.74 -1.30 3.29
CA SER C 352 -1.93 -0.99 2.09
C SER C 352 -2.69 -1.05 0.77
N PHE C 353 -4.01 -1.21 0.76
CA PHE C 353 -4.80 -0.98 -0.44
C PHE C 353 -6.11 -0.29 -0.06
N LEU C 354 -6.53 0.66 -0.89
CA LEU C 354 -7.59 1.61 -0.58
C LEU C 354 -8.85 1.23 -1.34
N LYS C 355 -9.95 1.05 -0.59
CA LYS C 355 -11.20 0.53 -1.18
C LYS C 355 -12.30 1.57 -1.31
N ILE C 356 -12.86 1.75 -2.50
CA ILE C 356 -14.03 2.58 -2.73
C ILE C 356 -15.27 1.81 -2.28
N TRP C 357 -16.21 2.54 -1.67
CA TRP C 357 -17.49 1.99 -1.22
C TRP C 357 -18.61 2.89 -1.75
N ASN C 358 -19.66 2.27 -2.30
CA ASN C 358 -20.81 3.00 -2.84
C ASN C 358 -22.09 2.37 -2.26
N GLN D 18 -8.95 37.13 23.15
CA GLN D 18 -9.79 36.20 22.40
C GLN D 18 -11.09 35.93 23.16
N LEU D 19 -11.02 35.92 24.49
CA LEU D 19 -12.21 35.60 25.29
C LEU D 19 -13.29 36.65 25.10
N LYS D 20 -12.90 37.91 24.91
CA LYS D 20 -13.88 38.94 24.58
C LYS D 20 -14.55 38.65 23.24
N MET D 21 -13.77 38.22 22.25
CA MET D 21 -14.34 37.89 20.94
C MET D 21 -15.29 36.72 21.04
N GLU D 22 -14.90 35.66 21.77
CA GLU D 22 -15.80 34.52 21.95
C GLU D 22 -17.01 34.91 22.79
N ALA D 23 -16.80 35.78 23.79
CA ALA D 23 -17.91 36.27 24.58
C ALA D 23 -18.88 37.08 23.72
N ASN D 24 -18.35 37.89 22.80
CA ASN D 24 -19.16 38.72 21.92
C ASN D 24 -19.58 37.89 20.70
N ILE D 25 -20.47 36.93 20.97
CA ILE D 25 -21.02 36.04 19.95
C ILE D 25 -22.54 36.09 20.07
N ASP D 26 -23.21 36.47 18.98
CA ASP D 26 -24.65 36.36 18.93
C ASP D 26 -25.05 34.89 18.97
N ARG D 27 -26.02 34.57 19.84
CA ARG D 27 -26.36 33.20 20.19
C ARG D 27 -27.84 32.95 19.94
N ILE D 28 -28.14 31.78 19.37
CA ILE D 28 -29.47 31.45 18.86
C ILE D 28 -29.83 30.07 19.40
N LYS D 29 -31.13 29.82 19.53
CA LYS D 29 -31.64 28.59 20.13
C LYS D 29 -31.16 27.36 19.38
N VAL D 30 -30.72 26.36 20.14
CA VAL D 30 -30.26 25.10 19.56
C VAL D 30 -31.40 24.39 18.86
N SER D 31 -32.64 24.57 19.34
CA SER D 31 -33.79 23.97 18.68
C SER D 31 -33.99 24.56 17.28
N LYS D 32 -33.88 25.88 17.14
CA LYS D 32 -33.98 26.50 15.83
C LYS D 32 -32.83 26.05 14.92
N ALA D 33 -31.61 25.98 15.46
CA ALA D 33 -30.50 25.47 14.70
C ALA D 33 -30.74 24.02 14.29
N ALA D 34 -31.39 23.25 15.15
CA ALA D 34 -31.72 21.87 14.85
C ALA D 34 -32.69 21.78 13.68
N ALA D 35 -33.74 22.59 13.70
CA ALA D 35 -34.71 22.57 12.60
C ALA D 35 -34.05 22.98 11.28
N ASP D 36 -33.15 23.97 11.34
CA ASP D 36 -32.38 24.33 10.16
C ASP D 36 -31.51 23.16 9.69
N LEU D 37 -30.97 22.39 10.64
CA LEU D 37 -30.16 21.23 10.28
C LEU D 37 -31.02 20.17 9.58
N MET D 38 -32.25 19.96 10.05
CA MET D 38 -33.16 19.02 9.38
C MET D 38 -33.51 19.50 7.98
N ALA D 39 -33.68 20.81 7.78
CA ALA D 39 -34.21 21.31 6.52
C ALA D 39 -33.28 21.00 5.34
N TYR D 40 -31.98 21.25 5.50
CA TYR D 40 -31.03 20.99 4.42
C TYR D 40 -30.96 19.50 4.11
N CYS D 41 -30.98 18.67 5.16
CA CYS D 41 -31.00 17.22 4.99
C CYS D 41 -32.22 16.79 4.19
N GLU D 42 -33.40 17.31 4.54
CA GLU D 42 -34.63 16.92 3.85
C GLU D 42 -34.60 17.38 2.39
N ALA D 43 -34.10 18.59 2.15
CA ALA D 43 -34.06 19.09 0.77
C ALA D 43 -33.13 18.26 -0.09
N HIS D 44 -31.98 17.86 0.45
CA HIS D 44 -31.00 17.03 -0.25
C HIS D 44 -31.02 15.58 0.21
N ALA D 45 -32.06 15.13 0.90
CA ALA D 45 -32.17 13.70 1.22
C ALA D 45 -32.29 12.86 -0.05
N LYS D 46 -33.12 13.30 -0.99
CA LYS D 46 -33.35 12.51 -2.20
C LYS D 46 -32.14 12.54 -3.13
N GLU D 47 -31.39 13.64 -3.11
CA GLU D 47 -30.32 13.80 -4.09
C GLU D 47 -29.16 12.84 -3.84
N ASP D 48 -28.78 12.60 -2.56
CA ASP D 48 -27.53 11.85 -2.20
C ASP D 48 -27.52 10.35 -2.40
N PRO D 49 -26.63 9.79 -3.22
CA PRO D 49 -26.71 8.34 -3.50
C PRO D 49 -26.65 7.41 -2.28
N LEU D 50 -26.07 7.83 -1.15
CA LEU D 50 -25.78 6.85 -0.09
C LEU D 50 -27.03 6.40 0.65
N LEU D 51 -27.89 7.34 1.06
CA LEU D 51 -29.04 6.97 1.88
C LEU D 51 -30.01 6.07 1.12
N THR D 52 -30.41 6.48 -0.08
CA THR D 52 -31.28 5.71 -0.95
C THR D 52 -30.45 5.09 -2.07
N PRO D 53 -30.54 3.78 -2.33
CA PRO D 53 -29.65 3.19 -3.35
C PRO D 53 -29.94 3.74 -4.73
N VAL D 54 -28.92 4.33 -5.35
CA VAL D 54 -28.99 4.86 -6.70
C VAL D 54 -29.29 3.69 -7.64
N PRO D 55 -30.05 3.86 -8.72
CA PRO D 55 -30.21 2.74 -9.67
C PRO D 55 -28.90 2.35 -10.33
N ALA D 56 -28.81 1.07 -10.70
CA ALA D 56 -27.53 0.48 -11.08
C ALA D 56 -26.96 1.12 -12.34
N SER D 57 -27.81 1.39 -13.33
CA SER D 57 -27.30 1.99 -14.57
C SER D 57 -26.76 3.39 -14.35
N GLU D 58 -27.42 4.15 -13.47
CA GLU D 58 -26.99 5.53 -13.21
C GLU D 58 -25.62 5.59 -12.55
N ASN D 59 -25.32 4.68 -11.63
CA ASN D 59 -24.07 4.78 -10.83
C ASN D 59 -22.84 4.64 -11.74
N PRO D 60 -21.73 5.36 -11.47
CA PRO D 60 -20.50 5.23 -12.25
C PRO D 60 -19.82 3.93 -11.86
N PHE D 61 -19.85 3.58 -10.56
CA PHE D 61 -19.26 2.35 -10.05
C PHE D 61 -20.19 1.15 -10.26
N VAL E 2 13.02 21.91 -23.98
CA VAL E 2 12.24 20.90 -24.69
C VAL E 2 12.37 21.13 -26.20
N GLN E 3 13.41 20.54 -26.78
CA GLN E 3 13.70 20.65 -28.20
C GLN E 3 13.96 19.26 -28.77
N LEU E 4 13.41 19.02 -29.96
CA LEU E 4 13.61 17.78 -30.70
C LEU E 4 14.36 18.09 -31.98
N VAL E 5 15.54 17.48 -32.13
CA VAL E 5 16.42 17.68 -33.28
C VAL E 5 16.54 16.35 -34.00
N GLU E 6 16.72 16.41 -35.32
CA GLU E 6 16.75 15.23 -36.18
C GLU E 6 17.96 15.30 -37.10
N SER E 7 18.42 14.12 -37.52
CA SER E 7 19.55 14.00 -38.43
C SER E 7 19.34 12.85 -39.41
N LEU E 20 15.66 7.49 -39.99
CA LEU E 20 15.88 8.79 -39.35
C LEU E 20 16.24 8.65 -37.89
N SER E 21 17.09 9.57 -37.42
CA SER E 21 17.40 9.76 -36.01
C SER E 21 16.76 11.04 -35.52
N CYS E 22 16.24 11.02 -34.30
CA CYS E 22 15.51 12.15 -33.72
C CYS E 22 15.93 12.33 -32.27
N SER E 23 16.87 13.26 -32.04
CA SER E 23 17.49 13.44 -30.73
C SER E 23 16.67 14.41 -29.90
N ALA E 24 16.41 14.03 -28.65
CA ALA E 24 15.51 14.76 -27.75
C ALA E 24 16.30 15.29 -26.57
N SER E 25 16.28 16.62 -26.39
CA SER E 25 16.94 17.29 -25.28
C SER E 25 15.97 18.28 -24.65
N GLY E 26 15.79 18.17 -23.33
CA GLY E 26 14.98 19.11 -22.57
C GLY E 26 13.84 18.47 -21.79
N PHE E 27 13.88 17.16 -21.59
CA PHE E 27 12.83 16.48 -20.86
C PHE E 27 13.32 15.08 -20.50
N ALA E 28 12.51 14.37 -19.71
CA ALA E 28 12.79 12.98 -19.36
C ALA E 28 12.38 12.09 -20.52
N PHE E 29 13.37 11.42 -21.13
CA PHE E 29 13.10 10.71 -22.38
C PHE E 29 12.21 9.49 -22.16
N SER E 30 12.48 8.72 -21.10
CA SER E 30 11.78 7.45 -20.90
C SER E 30 10.32 7.62 -20.47
N SER E 31 9.88 8.83 -20.12
CA SER E 31 8.53 9.04 -19.64
C SER E 31 7.49 9.22 -20.74
N PHE E 32 7.91 9.44 -21.98
CA PHE E 32 7.00 9.80 -23.06
C PHE E 32 6.80 8.63 -24.01
N GLY E 33 5.64 8.63 -24.66
CA GLY E 33 5.48 7.89 -25.90
C GLY E 33 5.98 8.73 -27.06
N MET E 34 6.26 8.08 -28.18
CA MET E 34 6.74 8.77 -29.37
C MET E 34 6.12 8.14 -30.61
N HIS E 35 5.97 8.95 -31.66
CA HIS E 35 5.27 8.52 -32.88
C HIS E 35 6.07 8.90 -34.12
N VAL E 37 4.35 13.77 -38.11
CA VAL E 37 4.29 12.46 -38.69
C VAL E 37 4.51 12.74 -40.18
N ARG E 38 4.46 11.73 -41.05
CA ARG E 38 4.69 11.92 -42.47
C ARG E 38 3.72 12.94 -43.06
N GLN E 39 4.27 14.03 -43.57
CA GLN E 39 3.55 14.99 -44.40
C GLN E 39 3.91 14.71 -45.84
N ALA E 40 2.91 14.42 -46.66
CA ALA E 40 3.16 14.29 -48.08
C ALA E 40 3.50 15.67 -48.66
N PRO E 41 4.42 15.78 -49.63
CA PRO E 41 4.55 17.07 -50.31
C PRO E 41 3.28 17.48 -51.04
N GLU E 42 2.53 16.50 -51.57
CA GLU E 42 1.32 16.82 -52.32
C GLU E 42 0.15 17.17 -51.39
N LYS E 43 0.03 16.49 -50.27
CA LYS E 43 -1.19 16.50 -49.46
C LYS E 43 -0.79 16.59 -47.99
N GLY E 44 -1.76 16.35 -47.10
CA GLY E 44 -1.57 16.55 -45.69
C GLY E 44 -0.91 15.36 -44.98
N LEU E 45 -1.12 15.33 -43.68
CA LEU E 45 -0.46 14.37 -42.80
C LEU E 45 -1.07 12.98 -42.96
N GLU E 46 -0.22 11.95 -42.85
CA GLU E 46 -0.62 10.56 -42.92
C GLU E 46 0.32 9.73 -42.06
N TRP E 47 -0.21 8.65 -41.47
CA TRP E 47 0.46 8.02 -40.33
C TRP E 47 1.56 7.04 -40.75
N VAL E 48 2.59 6.93 -39.89
CA VAL E 48 3.77 6.10 -40.10
C VAL E 48 3.83 4.95 -39.10
N ALA E 49 3.93 5.27 -37.79
CA ALA E 49 4.19 4.26 -36.78
C ALA E 49 4.16 4.89 -35.40
N TYR E 50 3.90 4.06 -34.38
CA TYR E 50 3.81 4.50 -32.98
C TYR E 50 4.63 3.56 -32.10
N ILE E 51 5.31 4.14 -31.11
CA ILE E 51 6.01 3.39 -30.05
C ILE E 51 5.60 4.02 -28.71
N SER E 52 5.39 3.18 -27.70
CA SER E 52 5.05 3.65 -26.38
C SER E 52 6.32 3.94 -25.57
N SER E 53 6.13 4.33 -24.31
CA SER E 53 7.26 4.66 -23.43
C SER E 53 7.93 3.38 -22.96
N GLY E 54 9.21 3.24 -23.28
CA GLY E 54 9.94 2.02 -22.92
C GLY E 54 9.53 0.80 -23.72
N SER E 55 9.01 1.01 -24.93
CA SER E 55 8.71 -0.09 -25.87
C SER E 55 7.61 -1.00 -25.32
N GLY E 56 6.44 -0.42 -25.04
CA GLY E 56 5.31 -1.24 -24.60
C GLY E 56 4.63 -1.97 -25.75
N THR E 57 4.21 -1.23 -26.78
CA THR E 57 3.45 -1.79 -27.89
C THR E 57 3.80 -1.03 -29.16
N ILE E 58 3.56 -1.66 -30.31
CA ILE E 58 3.79 -1.06 -31.63
C ILE E 58 2.60 -1.39 -32.50
N TYR E 59 2.19 -0.44 -33.35
CA TYR E 59 1.10 -0.62 -34.29
C TYR E 59 1.51 -0.02 -35.63
N TYR E 60 0.89 -0.50 -36.72
CA TYR E 60 1.15 -0.01 -38.07
C TYR E 60 -0.11 0.01 -38.91
N ALA E 61 -0.18 0.98 -39.82
CA ALA E 61 -1.09 0.90 -40.95
C ALA E 61 -0.47 0.02 -42.03
N ASP E 62 -1.34 -0.61 -42.83
CA ASP E 62 -0.88 -1.64 -43.76
C ASP E 62 0.05 -1.08 -44.83
N THR E 63 -0.12 0.20 -45.19
CA THR E 63 0.61 0.75 -46.34
C THR E 63 2.11 0.82 -46.07
N VAL E 64 2.51 1.39 -44.93
CA VAL E 64 3.91 1.49 -44.55
C VAL E 64 4.38 0.35 -43.66
N LYS E 65 3.63 -0.74 -43.58
CA LYS E 65 3.89 -1.76 -42.58
C LYS E 65 5.00 -2.70 -43.05
N GLY E 66 5.84 -3.12 -42.10
CA GLY E 66 6.79 -4.18 -42.33
C GLY E 66 8.12 -3.74 -42.91
N ARG E 67 8.22 -2.52 -43.44
CA ARG E 67 9.44 -2.00 -44.03
C ARG E 67 10.10 -0.93 -43.17
N PHE E 68 9.64 -0.72 -41.92
CA PHE E 68 10.22 0.25 -41.01
C PHE E 68 10.31 -0.34 -39.61
N THR E 69 11.23 0.21 -38.82
CA THR E 69 11.50 -0.23 -37.46
C THR E 69 11.58 0.99 -36.54
N ILE E 70 11.19 0.80 -35.28
CA ILE E 70 11.28 1.80 -34.24
C ILE E 70 12.23 1.31 -33.16
N SER E 71 13.10 2.19 -32.69
CA SER E 71 14.08 1.88 -31.64
C SER E 71 14.22 3.05 -30.68
N ARG E 72 14.42 2.73 -29.40
CA ARG E 72 14.69 3.69 -28.34
C ARG E 72 15.94 3.26 -27.59
N ASP E 73 16.80 4.23 -27.28
CA ASP E 73 17.96 4.02 -26.41
C ASP E 73 18.00 5.16 -25.39
N ASP E 74 17.97 4.81 -24.10
CA ASP E 74 17.87 5.82 -23.06
C ASP E 74 19.06 6.79 -23.03
N PRO E 75 20.34 6.35 -23.11
CA PRO E 75 21.41 7.36 -23.11
C PRO E 75 21.40 8.23 -24.36
N LYS E 76 21.15 7.63 -25.52
CA LYS E 76 21.12 8.42 -26.75
C LYS E 76 19.85 9.26 -26.86
N ASN E 77 18.80 8.93 -26.07
CA ASN E 77 17.50 9.62 -26.03
C ASN E 77 16.96 9.92 -27.43
N THR E 78 16.74 8.87 -28.22
CA THR E 78 16.39 9.10 -29.62
C THR E 78 15.34 8.18 -30.18
N LEU E 79 14.38 8.74 -30.90
CA LEU E 79 13.43 7.98 -31.72
C LEU E 79 14.09 7.68 -33.05
N PHE E 80 14.01 6.42 -33.47
CA PHE E 80 14.77 5.91 -34.60
C PHE E 80 13.83 5.34 -35.65
N LEU E 81 14.18 5.60 -36.92
CA LEU E 81 13.55 4.96 -38.07
C LEU E 81 14.63 4.37 -38.96
N GLN E 82 14.56 3.04 -39.14
CA GLN E 82 15.40 2.33 -40.10
C GLN E 82 14.48 1.87 -41.23
N MET E 83 14.95 1.98 -42.47
CA MET E 83 14.09 1.98 -43.65
C MET E 83 14.40 0.80 -44.55
N THR E 84 13.34 0.20 -45.09
CA THR E 84 13.42 -0.85 -46.10
C THR E 84 12.40 -0.52 -47.19
N SER E 85 12.55 -1.18 -48.35
CA SER E 85 11.55 -1.14 -49.42
C SER E 85 11.27 0.30 -49.88
N LEU E 86 12.34 1.04 -50.15
CA LEU E 86 12.20 2.47 -50.41
C LEU E 86 11.48 2.69 -51.73
N ARG E 87 10.52 3.62 -51.72
CA ARG E 87 9.57 3.79 -52.80
C ARG E 87 9.08 5.23 -52.76
N SER E 88 8.46 5.67 -53.86
CA SER E 88 8.00 7.05 -53.97
C SER E 88 6.96 7.41 -52.90
N GLU E 89 6.28 6.41 -52.33
CA GLU E 89 5.44 6.66 -51.16
C GLU E 89 6.29 7.03 -49.95
N ASP E 90 7.46 6.40 -49.82
CA ASP E 90 8.29 6.61 -48.59
C ASP E 90 8.72 8.08 -48.49
N THR E 91 9.16 8.68 -49.59
CA THR E 91 9.66 10.05 -49.51
C THR E 91 8.62 10.97 -48.88
N ALA E 92 9.07 11.81 -47.95
CA ALA E 92 8.14 12.63 -47.18
C ALA E 92 8.91 13.56 -46.26
N MET E 93 8.17 14.52 -45.71
CA MET E 93 8.62 15.35 -44.61
C MET E 93 7.93 14.86 -43.34
N TYR E 94 8.71 14.45 -42.35
CA TYR E 94 8.19 13.91 -41.10
C TYR E 94 8.82 14.66 -39.92
N TYR E 95 8.02 14.77 -38.86
CA TYR E 95 8.49 15.41 -37.60
C TYR E 95 8.07 14.47 -36.47
N CYS E 96 8.88 14.36 -35.42
CA CYS E 96 8.61 13.47 -34.32
C CYS E 96 7.46 14.00 -33.46
N VAL E 97 6.48 13.13 -33.19
CA VAL E 97 5.27 13.47 -32.46
C VAL E 97 5.18 12.57 -31.24
N ARG E 98 4.56 13.06 -30.17
CA ARG E 98 4.63 12.45 -28.86
C ARG E 98 3.34 12.74 -28.11
N SER E 99 3.24 12.21 -26.89
CA SER E 99 2.01 12.32 -26.12
C SER E 99 2.30 11.96 -24.67
N ILE E 100 1.26 12.09 -23.86
CA ILE E 100 1.21 11.51 -22.52
C ILE E 100 -0.25 11.23 -22.20
N TYR E 101 -0.54 10.01 -21.73
CA TYR E 101 -1.90 9.53 -21.49
C TYR E 101 -2.16 9.31 -20.02
N TYR E 102 -3.18 9.99 -19.50
CA TYR E 102 -3.77 9.70 -18.21
C TYR E 102 -5.12 10.40 -18.21
N TYR E 103 -5.90 10.20 -17.15
CA TYR E 103 -7.09 11.01 -17.01
C TYR E 103 -6.70 12.47 -16.85
N GLY E 104 -7.16 13.29 -17.79
CA GLY E 104 -6.58 14.60 -18.04
C GLY E 104 -5.55 14.63 -19.14
N SER E 105 -5.71 13.73 -20.13
CA SER E 105 -4.72 13.59 -21.22
C SER E 105 -4.60 14.86 -22.08
N SER E 106 -3.38 15.18 -22.50
CA SER E 106 -3.14 16.30 -23.42
C SER E 106 -2.27 15.82 -24.57
N PRO E 107 -2.80 14.91 -25.40
CA PRO E 107 -1.94 14.23 -26.37
C PRO E 107 -1.54 15.10 -27.55
N PHE E 108 -0.47 14.68 -28.24
CA PHE E 108 0.08 15.38 -29.40
C PHE E 108 0.46 16.82 -29.07
N ASP E 109 1.18 16.97 -27.96
CA ASP E 109 1.45 18.30 -27.41
C ASP E 109 2.51 19.04 -28.22
N PHE E 110 3.61 18.38 -28.57
CA PHE E 110 4.78 19.06 -29.12
C PHE E 110 5.38 18.21 -30.23
N TRP E 111 5.92 18.90 -31.25
CA TRP E 111 6.37 18.28 -32.48
C TRP E 111 7.83 18.61 -32.74
N GLY E 112 8.45 17.79 -33.59
CA GLY E 112 9.86 18.01 -33.92
C GLY E 112 10.05 19.07 -34.99
N GLN E 113 11.32 19.40 -35.23
CA GLN E 113 11.65 20.43 -36.22
C GLN E 113 11.31 19.97 -37.64
N GLY E 114 11.72 18.76 -38.01
CA GLY E 114 11.41 18.16 -39.28
C GLY E 114 12.64 17.89 -40.13
N THR E 115 12.47 16.96 -41.07
CA THR E 115 13.47 16.61 -42.07
C THR E 115 12.77 16.37 -43.40
N THR E 116 13.58 16.17 -44.45
CA THR E 116 13.07 15.79 -45.76
C THR E 116 13.89 14.62 -46.30
N LEU E 117 13.21 13.61 -46.84
CA LEU E 117 13.83 12.46 -47.47
C LEU E 117 13.27 12.31 -48.87
N THR E 118 14.16 12.06 -49.84
CA THR E 118 13.81 11.88 -51.24
C THR E 118 14.41 10.58 -51.74
N VAL E 119 13.59 9.77 -52.42
CA VAL E 119 14.05 8.54 -53.06
C VAL E 119 13.59 8.56 -54.51
N ASP E 137 -10.70 0.83 -41.45
CA ASP E 137 -10.06 2.02 -40.92
C ASP E 137 -10.91 3.26 -41.16
N ILE E 138 -10.82 4.21 -40.23
CA ILE E 138 -11.70 5.39 -40.33
C ILE E 138 -11.09 6.41 -41.29
N VAL E 139 -11.93 7.03 -42.10
CA VAL E 139 -11.56 8.10 -43.02
C VAL E 139 -12.11 9.40 -42.45
N MET E 140 -11.21 10.36 -42.21
CA MET E 140 -11.58 11.68 -41.71
C MET E 140 -11.22 12.72 -42.77
N THR E 141 -12.20 13.56 -43.09
CA THR E 141 -12.00 14.68 -43.99
C THR E 141 -13.02 15.76 -43.65
N GLN E 142 -12.67 17.00 -43.99
CA GLN E 142 -13.59 18.14 -43.93
C GLN E 142 -13.89 18.58 -45.35
N ALA E 143 -15.08 19.15 -45.55
CA ALA E 143 -15.61 19.32 -46.91
C ALA E 143 -14.76 20.27 -47.74
N THR E 144 -14.43 21.45 -47.20
CA THR E 144 -13.78 22.52 -47.95
C THR E 144 -12.29 22.50 -47.65
N SER E 145 -11.47 22.21 -48.68
CA SER E 145 -10.03 22.18 -48.49
C SER E 145 -9.47 23.58 -48.24
N SER E 146 -10.07 24.59 -48.86
CA SER E 146 -9.66 25.98 -48.71
C SER E 146 -10.85 26.80 -48.24
N VAL E 147 -10.63 27.61 -47.18
CA VAL E 147 -11.65 28.43 -46.57
C VAL E 147 -11.19 29.89 -46.68
N PRO E 148 -11.95 30.78 -47.34
CA PRO E 148 -11.61 32.21 -47.24
C PRO E 148 -11.90 32.72 -45.84
N VAL E 149 -11.09 33.66 -45.37
CA VAL E 149 -11.13 34.17 -44.01
C VAL E 149 -11.40 35.67 -44.04
N THR E 150 -12.28 36.12 -43.15
CA THR E 150 -12.57 37.52 -42.90
C THR E 150 -12.26 37.81 -41.43
N PRO E 151 -11.48 38.86 -41.09
CA PRO E 151 -11.13 39.06 -39.68
C PRO E 151 -12.35 39.35 -38.81
N GLY E 152 -12.31 38.83 -37.58
CA GLY E 152 -13.31 39.15 -36.59
C GLY E 152 -14.63 38.44 -36.72
N GLU E 153 -14.75 37.49 -37.65
CA GLU E 153 -15.99 36.78 -37.92
C GLU E 153 -15.83 35.31 -37.56
N SER E 154 -16.81 34.77 -36.84
CA SER E 154 -16.77 33.38 -36.46
C SER E 154 -17.05 32.48 -37.67
N VAL E 155 -16.30 31.39 -37.77
CA VAL E 155 -16.47 30.39 -38.82
C VAL E 155 -16.33 29.01 -38.19
N SER E 156 -16.72 27.99 -38.94
CA SER E 156 -16.73 26.61 -38.48
C SER E 156 -16.08 25.69 -39.51
N ILE E 157 -15.28 24.74 -39.01
CA ILE E 157 -14.66 23.70 -39.82
C ILE E 157 -15.15 22.37 -39.27
N SER E 158 -15.85 21.60 -40.09
CA SER E 158 -16.46 20.34 -39.69
C SER E 158 -15.82 19.21 -40.48
N CYS E 159 -15.34 18.19 -39.75
CA CYS E 159 -14.88 16.94 -40.36
C CYS E 159 -15.56 15.78 -39.64
N ARG E 160 -16.33 15.00 -40.38
CA ARG E 160 -17.05 13.86 -39.83
C ARG E 160 -16.11 12.69 -39.61
N SER E 161 -16.59 11.72 -38.82
CA SER E 161 -15.84 10.53 -38.46
C SER E 161 -16.60 9.28 -38.88
N SER E 162 -15.88 8.31 -39.44
CA SER E 162 -16.50 7.06 -39.85
C SER E 162 -16.99 6.26 -38.64
N LYS E 163 -16.11 6.05 -37.66
CA LYS E 163 -16.45 5.34 -36.43
C LYS E 163 -16.84 6.35 -35.37
N SER E 164 -17.86 6.02 -34.57
CA SER E 164 -18.41 6.98 -33.62
C SER E 164 -17.37 7.34 -32.56
N LEU E 165 -16.93 8.61 -32.59
CA LEU E 165 -15.87 9.10 -31.67
C LEU E 165 -16.27 8.83 -30.22
N LEU E 166 -17.52 9.13 -29.86
CA LEU E 166 -17.99 8.85 -28.52
C LEU E 166 -17.71 7.39 -28.16
N HIS E 167 -17.19 7.19 -26.95
CA HIS E 167 -16.68 5.89 -26.49
C HIS E 167 -17.48 5.51 -25.24
N SER E 168 -17.38 4.25 -24.82
CA SER E 168 -18.24 3.73 -23.75
C SER E 168 -18.07 4.50 -22.45
N ASN E 169 -16.90 5.11 -22.22
CA ASN E 169 -16.72 5.98 -21.07
C ASN E 169 -17.53 7.26 -21.21
N GLY E 170 -17.62 7.80 -22.42
CA GLY E 170 -18.10 9.14 -22.67
C GLY E 170 -17.02 10.15 -23.04
N ASN E 171 -15.79 9.70 -23.26
CA ASN E 171 -14.71 10.55 -23.75
C ASN E 171 -14.67 10.47 -25.27
N THR E 172 -14.90 11.61 -25.93
CA THR E 172 -14.92 11.70 -27.38
C THR E 172 -13.50 11.95 -27.87
N TYR E 173 -13.04 11.13 -28.81
CA TYR E 173 -11.68 11.22 -29.35
C TYR E 173 -11.69 11.90 -30.73
N LEU E 174 -11.88 13.23 -30.70
CA LEU E 174 -11.75 14.08 -31.87
C LEU E 174 -10.69 15.13 -31.58
N TYR E 175 -9.80 15.38 -32.54
CA TYR E 175 -8.63 16.22 -32.35
C TYR E 175 -8.46 17.18 -33.53
N TRP E 176 -7.69 18.25 -33.30
CA TRP E 176 -7.33 19.24 -34.32
C TRP E 176 -5.90 19.73 -34.16
N PHE E 177 -5.33 20.17 -35.29
CA PHE E 177 -3.96 20.67 -35.36
C PHE E 177 -3.94 21.94 -36.22
N LEU E 178 -2.80 22.64 -36.19
CA LEU E 178 -2.50 23.73 -37.11
C LEU E 178 -1.05 23.61 -37.52
N GLN E 179 -0.79 23.56 -38.83
CA GLN E 179 0.57 23.61 -39.35
C GLN E 179 0.74 24.96 -40.05
N ARG E 180 1.47 25.86 -39.41
CA ARG E 180 1.90 27.05 -40.11
C ARG E 180 2.95 26.63 -41.16
N PRO E 181 3.01 27.28 -42.32
CA PRO E 181 4.03 26.87 -43.31
C PRO E 181 5.43 27.11 -42.79
N GLY E 182 6.28 26.10 -42.94
CA GLY E 182 7.64 26.15 -42.44
C GLY E 182 7.81 25.79 -40.99
N GLN E 183 6.73 25.49 -40.26
CA GLN E 183 6.78 25.12 -38.85
C GLN E 183 5.97 23.85 -38.65
N SER E 184 6.46 22.97 -37.78
CA SER E 184 5.74 21.74 -37.51
C SER E 184 4.45 22.06 -36.72
N PRO E 185 3.40 21.26 -36.84
CA PRO E 185 2.12 21.66 -36.24
C PRO E 185 2.11 21.58 -34.73
N GLN E 186 0.97 21.98 -34.16
CA GLN E 186 0.73 22.06 -32.73
C GLN E 186 -0.69 21.59 -32.42
N LEU E 187 -0.93 21.22 -31.17
CA LEU E 187 -2.28 20.86 -30.73
C LEU E 187 -3.07 22.12 -30.37
N LEU E 188 -4.37 22.09 -30.66
CA LEU E 188 -5.29 23.19 -30.37
C LEU E 188 -6.51 22.74 -29.57
N ILE E 189 -7.23 21.74 -30.08
CA ILE E 189 -8.48 21.30 -29.40
C ILE E 189 -8.55 19.77 -29.41
N TYR E 190 -8.83 19.18 -28.24
CA TYR E 190 -9.03 17.73 -28.14
C TYR E 190 -10.40 17.48 -27.51
N ARG E 191 -11.16 16.58 -28.14
CA ARG E 191 -12.41 16.00 -27.70
C ARG E 191 -13.65 16.88 -27.88
N MET E 192 -13.53 18.10 -28.40
CA MET E 192 -14.65 19.02 -28.63
C MET E 192 -15.38 19.48 -27.37
N SER E 193 -14.90 19.14 -26.17
CA SER E 193 -15.33 19.75 -24.93
C SER E 193 -14.17 20.25 -24.08
N ASN E 194 -12.93 19.86 -24.42
CA ASN E 194 -11.72 20.27 -23.72
C ASN E 194 -10.83 21.02 -24.70
N LEU E 195 -10.13 22.04 -24.19
CA LEU E 195 -9.24 22.86 -24.99
C LEU E 195 -7.84 22.78 -24.39
N ALA E 196 -6.86 22.44 -25.23
CA ALA E 196 -5.48 22.33 -24.77
C ALA E 196 -4.95 23.66 -24.27
N SER E 197 -4.17 23.61 -23.19
CA SER E 197 -3.49 24.79 -22.71
C SER E 197 -2.36 25.16 -23.65
N GLY E 198 -1.86 26.39 -23.51
CA GLY E 198 -0.93 26.95 -24.47
C GLY E 198 -1.59 27.49 -25.73
N VAL E 199 -2.91 27.51 -25.78
CA VAL E 199 -3.68 27.88 -26.97
C VAL E 199 -4.47 29.14 -26.61
N PRO E 200 -4.58 30.13 -27.51
CA PRO E 200 -5.51 31.24 -27.21
C PRO E 200 -6.94 30.74 -27.08
N ASP E 201 -7.65 31.29 -26.10
CA ASP E 201 -8.96 30.74 -25.72
C ASP E 201 -10.03 30.96 -26.78
N ARG E 202 -9.76 31.78 -27.80
CA ARG E 202 -10.79 32.10 -28.79
C ARG E 202 -11.26 30.85 -29.54
N PHE E 203 -10.35 29.93 -29.83
CA PHE E 203 -10.75 28.71 -30.53
C PHE E 203 -11.58 27.85 -29.59
N SER E 204 -12.62 27.22 -30.10
CA SER E 204 -13.54 26.49 -29.20
C SER E 204 -14.17 25.37 -30.03
N GLY E 205 -15.06 24.56 -29.46
CA GLY E 205 -15.71 23.41 -30.07
C GLY E 205 -17.11 23.18 -29.55
N SER E 206 -17.92 22.56 -30.39
CA SER E 206 -19.25 22.05 -30.04
C SER E 206 -19.44 20.71 -30.75
N GLY E 207 -20.21 19.81 -30.16
CA GLY E 207 -20.32 18.47 -30.68
C GLY E 207 -21.63 17.79 -30.33
N SER E 208 -22.11 17.00 -31.30
CA SER E 208 -23.16 16.00 -31.10
C SER E 208 -22.59 14.66 -31.49
N GLY E 209 -23.30 13.58 -31.15
CA GLY E 209 -22.83 12.23 -31.39
C GLY E 209 -22.48 11.93 -32.84
N THR E 210 -21.21 11.58 -33.08
CA THR E 210 -20.61 11.23 -34.37
C THR E 210 -20.84 12.27 -35.47
N ALA E 211 -21.18 13.51 -35.12
CA ALA E 211 -21.36 14.61 -36.05
C ALA E 211 -21.00 15.89 -35.30
N PHE E 212 -19.98 16.60 -35.79
CA PHE E 212 -19.24 17.57 -34.98
C PHE E 212 -18.98 18.84 -35.75
N THR E 213 -19.03 19.98 -35.05
CA THR E 213 -18.83 21.30 -35.64
C THR E 213 -17.94 22.16 -34.74
N LEU E 214 -16.82 22.63 -35.29
CA LEU E 214 -15.84 23.43 -34.55
C LEU E 214 -16.22 24.90 -34.64
N THR E 215 -15.80 25.69 -33.64
CA THR E 215 -16.07 27.12 -33.58
C THR E 215 -14.76 27.88 -33.39
N ILE E 216 -14.43 28.75 -34.35
CA ILE E 216 -13.33 29.71 -34.24
C ILE E 216 -13.94 31.09 -34.10
N SER E 217 -13.25 31.98 -33.39
CA SER E 217 -13.66 33.36 -33.23
C SER E 217 -12.44 34.27 -33.27
N ARG E 218 -12.64 35.48 -33.79
CA ARG E 218 -11.64 36.54 -33.77
C ARG E 218 -10.33 36.11 -34.43
N LEU E 219 -10.41 35.61 -35.66
CA LEU E 219 -9.22 35.17 -36.36
C LEU E 219 -8.28 36.35 -36.62
N GLU E 220 -6.98 36.10 -36.45
CA GLU E 220 -5.94 37.12 -36.49
C GLU E 220 -4.77 36.58 -37.29
N ALA E 221 -3.73 37.41 -37.45
CA ALA E 221 -2.49 36.95 -38.04
C ALA E 221 -1.85 35.91 -37.13
N GLU E 222 -1.20 34.93 -37.76
CA GLU E 222 -0.63 33.71 -37.17
C GLU E 222 -1.70 32.64 -36.93
N ASP E 223 -2.99 32.94 -37.14
CA ASP E 223 -4.01 31.92 -37.24
C ASP E 223 -3.93 31.15 -38.55
N VAL E 224 -3.39 31.79 -39.61
CA VAL E 224 -3.37 31.23 -40.96
C VAL E 224 -2.60 29.92 -40.98
N GLY E 225 -3.09 28.97 -41.78
CA GLY E 225 -2.40 27.71 -41.98
C GLY E 225 -3.37 26.65 -42.43
N VAL E 226 -2.93 25.39 -42.29
CA VAL E 226 -3.71 24.21 -42.66
C VAL E 226 -4.05 23.46 -41.39
N TYR E 227 -5.34 23.16 -41.21
CA TYR E 227 -5.84 22.51 -40.00
C TYR E 227 -6.22 21.07 -40.33
N TYR E 228 -5.71 20.13 -39.55
CA TYR E 228 -5.94 18.70 -39.74
C TYR E 228 -6.59 18.16 -38.49
N CYS E 229 -7.47 17.17 -38.66
CA CYS E 229 -8.21 16.56 -37.58
C CYS E 229 -8.06 15.05 -37.61
N MET E 230 -8.28 14.42 -36.45
CA MET E 230 -7.81 13.07 -36.17
C MET E 230 -8.78 12.31 -35.27
N GLN E 231 -8.66 10.99 -35.28
CA GLN E 231 -9.54 10.07 -34.55
C GLN E 231 -8.71 8.97 -33.91
N HIS E 232 -8.86 8.78 -32.60
CA HIS E 232 -8.00 7.91 -31.79
C HIS E 232 -8.77 6.88 -30.97
N LEU E 233 -9.86 6.36 -31.52
CA LEU E 233 -10.52 5.21 -30.88
C LEU E 233 -9.67 3.95 -30.98
N GLU E 234 -9.03 3.72 -32.12
CA GLU E 234 -8.17 2.56 -32.32
C GLU E 234 -7.22 2.86 -33.48
N TYR E 235 -5.99 2.34 -33.39
CA TYR E 235 -5.01 2.62 -34.43
C TYR E 235 -5.42 1.92 -35.72
N PRO E 236 -4.97 2.41 -36.90
CA PRO E 236 -3.98 3.47 -37.16
C PRO E 236 -4.50 4.86 -36.91
N LEU E 237 -3.59 5.82 -36.74
CA LEU E 237 -3.95 7.19 -36.40
C LEU E 237 -4.48 7.88 -37.66
N THR E 238 -5.80 7.88 -37.80
CA THR E 238 -6.45 8.29 -39.05
C THR E 238 -6.42 9.80 -39.16
N PHE E 239 -5.39 10.27 -39.89
CA PHE E 239 -5.19 11.73 -40.03
C PHE E 239 -5.80 12.18 -41.34
N GLY E 240 -6.39 13.36 -41.32
CA GLY E 240 -7.03 13.90 -42.50
C GLY E 240 -6.11 14.80 -43.31
N ALA E 241 -6.49 15.00 -44.58
CA ALA E 241 -5.79 15.96 -45.42
C ALA E 241 -6.01 17.38 -44.94
N GLY E 242 -7.15 17.65 -44.29
CA GLY E 242 -7.36 18.91 -43.62
C GLY E 242 -7.91 20.01 -44.51
N THR E 243 -8.10 21.17 -43.89
CA THR E 243 -8.57 22.39 -44.54
C THR E 243 -7.58 23.51 -44.29
N LYS E 244 -7.66 24.55 -45.11
CA LYS E 244 -6.71 25.65 -45.09
C LYS E 244 -7.42 26.98 -44.90
N LEU E 245 -6.77 27.86 -44.16
CA LEU E 245 -7.18 29.26 -44.03
C LEU E 245 -6.43 30.08 -45.08
N GLU E 246 -7.18 30.77 -45.92
CA GLU E 246 -6.64 31.56 -47.02
C GLU E 246 -6.99 33.03 -46.82
N LEU E 247 -5.98 33.89 -46.85
CA LEU E 247 -6.19 35.32 -46.68
C LEU E 247 -6.66 35.95 -47.99
C01 A1AFV F . 2.28 -46.40 -2.06
N02 A1AFV F . 2.80 -45.06 -2.10
C03 A1AFV F . 3.12 -44.66 -0.76
C04 A1AFV F . 3.99 -45.11 -2.90
C05 A1AFV F . 4.61 -43.74 -3.01
C06 A1AFV F . 5.86 -43.70 -3.84
C07 A1AFV F . 6.67 -42.61 -3.90
N08 A1AFV F . 7.65 -42.91 -4.72
C09 A1AFV F . 7.51 -44.17 -5.21
C10 A1AFV F . 8.31 -44.91 -6.10
C11 A1AFV F . 7.96 -46.19 -6.44
C12 A1AFV F . 6.82 -46.73 -5.88
C13 A1AFV F . 6.04 -46.00 -5.02
C14 A1AFV F . 6.40 -44.70 -4.67
#